data_1NVX
#
_entry.id   1NVX
#
_cell.length_a   175.206
_cell.length_b   175.206
_cell.length_c   234.128
_cell.angle_alpha   90.00
_cell.angle_beta   90.00
_cell.angle_gamma   90.00
#
_symmetry.space_group_name_H-M   'I 4 2 2'
#
loop_
_entity.id
_entity.type
_entity.pdbx_description
1 polymer 'Transforming protein p21/H-RAS-1'
2 polymer 'Son of sevenless protein homolog 1'
3 non-polymer 'MAGNESIUM ION'
4 non-polymer "GUANOSINE-5'-TRIPHOSPHATE"
5 non-polymer 'PHOSPHATE ION'
#
loop_
_entity_poly.entity_id
_entity_poly.type
_entity_poly.pdbx_seq_one_letter_code
_entity_poly.pdbx_strand_id
1 'polypeptide(L)'
;MTEYKLVVVGAGGVGKSALTIQLIQNHFVDEYDPTIEDSYRKQVVIDGETCLLDILDTGGQEEYSAMRDQYMRTGEGFLC
VFAINNTKSFEDIHQYREQIKRVKDSDDVPMVLVGNKCDLAARTVESRQAQDLARSYGIPYIETSAKTRQGVEDAFYTLV
REIRQH
;
Q,R
2 'polypeptide(L)'
;QMRLPSADVYRFAEPDSEENIIFEENMQPKAGIPIIKAGTVIKLIERLTYHMYADPNFVRTFLTTYRSFCKPQELLSLII
ERFEIPEPEPTEADRIAIENGDQPLSAELKRFRKEYIQPVQLRVLNVCRHWVEHHFYDFERDAYLLQRMEEFIGTVRGKA
MKKWVESITKIIQRKKIARDNGPGHNITFQSSPPTVEWHISRPGHIETFDLLTLHPIEIARQLTLLESDLYRAVQPSELV
GSVWTKEDKEINSPNLLKMIRHTTNLTLWFEKCIVETENLEERVAVVSRIIEILQVFQELNNFNGVLEVVSAMNSSPVYR
LDHTFEQIPSRQKKILEEAHELSEDHYKKYLAKLRSINPPCVPFFGIYLTNILKTEEGNPEVLKRHGKELINFSKRRKVA
EITGEIQQYQNQPYCLRVESDIKRFFENLNPMGNSMEKEFTDYLFNKSLEIEPRNPKPLPRFPKKYSYPLKSPGVRPSNP
R
;
S
#
loop_
_chem_comp.id
_chem_comp.type
_chem_comp.name
_chem_comp.formula
GTP non-polymer GUANOSINE-5'-TRIPHOSPHATE 'C10 H16 N5 O14 P3'
MG non-polymer 'MAGNESIUM ION' 'Mg 2'
PO4 non-polymer 'PHOSPHATE ION' 'O4 P -3'
#
# COMPACT_ATOMS: atom_id res chain seq x y z
N MET A 1 0.81 -13.81 11.10
CA MET A 1 0.35 -14.74 10.03
C MET A 1 1.56 -15.48 9.45
N THR A 2 1.40 -16.80 9.26
CA THR A 2 2.45 -17.66 8.72
C THR A 2 2.81 -17.32 7.27
N GLU A 3 4.06 -17.53 6.90
CA GLU A 3 4.49 -17.26 5.54
C GLU A 3 4.92 -18.57 4.85
N TYR A 4 4.36 -18.83 3.67
CA TYR A 4 4.67 -20.06 2.93
C TYR A 4 5.37 -19.79 1.60
N LYS A 5 6.61 -20.22 1.46
CA LYS A 5 7.32 -20.01 0.21
C LYS A 5 7.04 -21.14 -0.78
N LEU A 6 6.20 -20.88 -1.78
CA LEU A 6 5.87 -21.90 -2.80
C LEU A 6 6.68 -21.63 -4.08
N VAL A 7 7.10 -22.70 -4.77
CA VAL A 7 7.85 -22.53 -6.01
C VAL A 7 7.14 -23.28 -7.12
N VAL A 8 7.00 -22.66 -8.29
CA VAL A 8 6.34 -23.31 -9.42
C VAL A 8 7.40 -23.71 -10.45
N VAL A 9 7.51 -25.01 -10.73
CA VAL A 9 8.50 -25.52 -11.68
C VAL A 9 7.86 -26.35 -12.81
N GLY A 10 8.63 -26.63 -13.85
CA GLY A 10 8.10 -27.40 -14.97
C GLY A 10 8.57 -26.87 -16.31
N ALA A 11 8.45 -27.68 -17.37
CA ALA A 11 8.89 -27.26 -18.71
C ALA A 11 8.20 -26.03 -19.26
N GLY A 12 8.94 -25.23 -20.02
CA GLY A 12 8.40 -24.01 -20.58
C GLY A 12 7.12 -24.15 -21.35
N GLY A 13 6.28 -23.11 -21.28
CA GLY A 13 5.02 -23.11 -22.00
C GLY A 13 3.85 -23.82 -21.33
N VAL A 14 4.14 -24.67 -20.35
CA VAL A 14 3.11 -25.45 -19.65
C VAL A 14 1.99 -24.64 -18.97
N GLY A 15 2.30 -23.44 -18.47
CA GLY A 15 1.28 -22.63 -17.83
C GLY A 15 1.62 -22.12 -16.45
N LYS A 16 2.84 -22.40 -15.97
CA LYS A 16 3.28 -21.95 -14.66
C LYS A 16 2.87 -20.51 -14.33
N SER A 17 3.34 -19.58 -15.15
CA SER A 17 3.04 -18.17 -14.98
C SER A 17 1.54 -17.93 -15.08
N ALA A 18 0.94 -18.42 -16.15
CA ALA A 18 -0.49 -18.28 -16.37
C ALA A 18 -1.25 -18.68 -15.12
N LEU A 19 -0.85 -19.79 -14.51
CA LEU A 19 -1.50 -20.28 -13.30
C LEU A 19 -1.40 -19.26 -12.17
N THR A 20 -0.17 -18.86 -11.85
CA THR A 20 0.12 -17.90 -10.80
C THR A 20 -0.66 -16.60 -11.03
N ILE A 21 -0.51 -16.00 -12.20
CA ILE A 21 -1.22 -14.76 -12.49
C ILE A 21 -2.73 -14.91 -12.33
N GLN A 22 -3.27 -16.07 -12.70
CA GLN A 22 -4.70 -16.32 -12.55
C GLN A 22 -5.00 -16.30 -11.05
N LEU A 23 -4.22 -17.05 -10.30
CA LEU A 23 -4.40 -17.13 -8.86
C LEU A 23 -4.33 -15.74 -8.24
N ILE A 24 -3.30 -15.01 -8.64
CA ILE A 24 -3.02 -13.68 -8.13
C ILE A 24 -4.00 -12.55 -8.47
N GLN A 25 -4.29 -12.35 -9.76
CA GLN A 25 -5.20 -11.27 -10.16
C GLN A 25 -6.51 -11.70 -10.82
N ASN A 26 -6.70 -13.00 -11.01
CA ASN A 26 -7.92 -13.49 -11.64
C ASN A 26 -7.96 -12.93 -13.04
N HIS A 27 -6.85 -13.10 -13.74
CA HIS A 27 -6.67 -12.59 -15.10
C HIS A 27 -5.89 -13.63 -15.92
N PHE A 28 -6.36 -13.94 -17.12
CA PHE A 28 -5.65 -14.92 -17.93
C PHE A 28 -4.76 -14.31 -18.99
N VAL A 29 -3.45 -14.52 -18.81
CA VAL A 29 -2.45 -14.02 -19.75
C VAL A 29 -2.43 -14.92 -20.99
N ASP A 30 -2.93 -14.40 -22.12
CA ASP A 30 -2.95 -15.18 -23.34
C ASP A 30 -1.63 -15.30 -24.08
N GLU A 31 -0.91 -14.19 -24.22
CA GLU A 31 0.37 -14.19 -24.92
C GLU A 31 1.40 -14.96 -24.09
N TYR A 32 2.51 -15.31 -24.73
CA TYR A 32 3.54 -16.06 -24.04
C TYR A 32 4.85 -15.32 -23.92
N ASP A 33 5.19 -14.82 -22.72
CA ASP A 33 6.46 -14.12 -22.48
C ASP A 33 7.30 -14.98 -21.54
N PRO A 34 8.39 -15.59 -22.05
CA PRO A 34 9.27 -16.43 -21.23
C PRO A 34 9.67 -15.80 -19.90
N THR A 35 9.55 -16.59 -18.85
CA THR A 35 9.89 -16.11 -17.52
C THR A 35 11.32 -16.45 -17.13
N ILE A 36 12.02 -15.49 -16.55
CA ILE A 36 13.38 -15.73 -16.08
C ILE A 36 13.22 -16.09 -14.61
N GLU A 37 12.65 -15.15 -13.85
CA GLU A 37 12.39 -15.32 -12.43
C GLU A 37 11.65 -14.12 -11.86
N ASP A 38 10.42 -14.34 -11.43
CA ASP A 38 9.60 -13.29 -10.82
C ASP A 38 9.15 -13.76 -9.46
N SER A 39 8.53 -12.86 -8.70
CA SER A 39 8.08 -13.21 -7.35
C SER A 39 6.75 -12.55 -7.04
N TYR A 40 5.78 -13.33 -6.56
CA TYR A 40 4.45 -12.81 -6.21
C TYR A 40 4.11 -12.97 -4.72
N ARG A 41 3.13 -12.22 -4.24
CA ARG A 41 2.76 -12.30 -2.84
C ARG A 41 1.23 -12.28 -2.71
N LYS A 42 0.70 -13.08 -1.80
CA LYS A 42 -0.74 -13.17 -1.64
C LYS A 42 -1.20 -13.50 -0.23
N GLN A 43 -2.02 -12.63 0.34
CA GLN A 43 -2.56 -12.86 1.69
C GLN A 43 -3.88 -13.55 1.41
N VAL A 44 -4.05 -14.75 1.92
CA VAL A 44 -5.28 -15.49 1.70
C VAL A 44 -5.55 -16.35 2.93
N VAL A 45 -6.83 -16.58 3.22
CA VAL A 45 -7.22 -17.41 4.36
C VAL A 45 -7.52 -18.81 3.87
N ILE A 46 -6.73 -19.77 4.32
CA ILE A 46 -6.92 -21.16 3.93
C ILE A 46 -7.32 -21.97 5.15
N ASP A 47 -8.52 -22.58 5.08
CA ASP A 47 -9.04 -23.37 6.18
C ASP A 47 -9.15 -22.49 7.43
N GLY A 48 -9.57 -21.25 7.26
CA GLY A 48 -9.69 -20.36 8.40
C GLY A 48 -8.40 -19.91 9.06
N GLU A 49 -7.29 -19.96 8.33
CA GLU A 49 -5.99 -19.52 8.84
C GLU A 49 -5.44 -18.51 7.83
N THR A 50 -4.96 -17.35 8.28
CA THR A 50 -4.45 -16.34 7.35
C THR A 50 -2.98 -16.52 7.02
N CYS A 51 -2.72 -16.80 5.75
CA CYS A 51 -1.35 -16.98 5.27
C CYS A 51 -0.95 -15.87 4.35
N LEU A 52 0.34 -15.88 4.05
CA LEU A 52 0.96 -14.93 3.15
C LEU A 52 1.77 -15.82 2.22
N LEU A 53 1.35 -15.92 0.97
CA LEU A 53 2.06 -16.75 0.00
C LEU A 53 3.14 -15.99 -0.80
N ASP A 54 4.32 -16.58 -0.88
CA ASP A 54 5.41 -16.01 -1.65
C ASP A 54 5.56 -17.04 -2.76
N ILE A 55 5.08 -16.70 -3.93
CA ILE A 55 5.15 -17.61 -5.04
C ILE A 55 6.30 -17.20 -5.95
N LEU A 56 7.26 -18.10 -6.12
CA LEU A 56 8.38 -17.84 -7.00
C LEU A 56 8.12 -18.58 -8.32
N ASP A 57 7.76 -17.83 -9.35
CA ASP A 57 7.50 -18.40 -10.66
C ASP A 57 8.84 -18.46 -11.39
N THR A 58 9.27 -19.67 -11.77
CA THR A 58 10.55 -19.86 -12.45
C THR A 58 10.46 -20.05 -13.97
N GLY A 59 11.63 -20.04 -14.60
CA GLY A 59 11.73 -20.23 -16.05
C GLY A 59 11.91 -21.71 -16.30
N GLY A 60 11.13 -22.25 -17.24
CA GLY A 60 11.21 -23.68 -17.50
C GLY A 60 11.95 -24.23 -18.71
N GLN A 61 12.51 -25.43 -18.51
CA GLN A 61 13.25 -26.18 -19.52
C GLN A 61 14.26 -25.38 -20.35
N GLU A 62 14.50 -24.13 -19.97
CA GLU A 62 15.44 -23.29 -20.71
C GLU A 62 16.87 -23.83 -20.64
N GLU A 63 17.04 -25.01 -20.04
CA GLU A 63 18.34 -25.67 -19.92
C GLU A 63 19.34 -24.97 -18.98
N TYR A 64 18.84 -24.09 -18.11
CA TYR A 64 19.69 -23.36 -17.17
C TYR A 64 19.76 -24.05 -15.82
N SER A 65 20.10 -25.33 -15.84
CA SER A 65 20.22 -26.16 -14.65
C SER A 65 20.95 -25.48 -13.48
N ALA A 66 21.95 -24.67 -13.80
CA ALA A 66 22.73 -23.97 -12.79
C ALA A 66 21.82 -23.15 -11.87
N MET A 67 20.99 -22.32 -12.47
CA MET A 67 20.07 -21.48 -11.73
C MET A 67 18.92 -22.23 -11.05
N ARG A 68 18.22 -23.10 -11.78
CA ARG A 68 17.10 -23.83 -11.19
C ARG A 68 17.41 -24.32 -9.78
N ASP A 69 18.64 -24.76 -9.54
CA ASP A 69 19.04 -25.24 -8.21
C ASP A 69 18.89 -24.15 -7.15
N GLN A 70 19.13 -22.90 -7.54
CA GLN A 70 19.02 -21.76 -6.65
C GLN A 70 17.60 -21.48 -6.19
N TYR A 71 16.64 -21.71 -7.08
CA TYR A 71 15.23 -21.48 -6.78
C TYR A 71 14.72 -22.48 -5.74
N MET A 72 15.11 -23.73 -5.93
CA MET A 72 14.69 -24.82 -5.06
C MET A 72 15.30 -24.88 -3.68
N ARG A 73 16.35 -24.09 -3.42
CA ARG A 73 16.95 -24.13 -2.10
C ARG A 73 16.02 -23.42 -1.12
N THR A 74 15.40 -22.35 -1.57
CA THR A 74 14.50 -21.56 -0.72
C THR A 74 13.10 -22.14 -0.54
N GLY A 75 12.49 -22.58 -1.64
CA GLY A 75 11.15 -23.13 -1.61
C GLY A 75 10.82 -24.16 -0.54
N GLU A 76 9.59 -24.10 -0.02
CA GLU A 76 9.11 -25.01 1.01
C GLU A 76 8.22 -26.07 0.39
N GLY A 77 7.55 -25.68 -0.69
CA GLY A 77 6.66 -26.58 -1.39
C GLY A 77 6.76 -26.29 -2.87
N PHE A 78 6.54 -27.31 -3.70
CA PHE A 78 6.65 -27.09 -5.13
C PHE A 78 5.44 -27.49 -5.93
N LEU A 79 5.12 -26.69 -6.93
CA LEU A 79 3.98 -26.99 -7.78
C LEU A 79 4.56 -27.45 -9.14
N CYS A 80 4.78 -28.75 -9.30
CA CYS A 80 5.33 -29.30 -10.54
C CYS A 80 4.28 -29.34 -11.64
N VAL A 81 4.46 -28.53 -12.68
CA VAL A 81 3.46 -28.46 -13.75
C VAL A 81 3.89 -28.94 -15.12
N PHE A 82 2.93 -29.57 -15.81
CA PHE A 82 3.10 -30.08 -17.16
C PHE A 82 1.76 -29.83 -17.83
N ALA A 83 1.74 -29.77 -19.16
CA ALA A 83 0.48 -29.54 -19.87
C ALA A 83 -0.05 -30.87 -20.38
N ILE A 84 -1.32 -31.15 -20.10
CA ILE A 84 -1.94 -32.40 -20.55
C ILE A 84 -1.91 -32.55 -22.07
N ASN A 85 -1.49 -31.52 -22.80
CA ASN A 85 -1.45 -31.60 -24.25
C ASN A 85 -0.02 -31.51 -24.75
N ASN A 86 0.91 -31.98 -23.93
CA ASN A 86 2.33 -31.97 -24.26
C ASN A 86 3.05 -33.09 -23.51
N THR A 87 3.11 -34.27 -24.13
CA THR A 87 3.73 -35.43 -23.49
C THR A 87 5.13 -35.18 -22.95
N LYS A 88 5.96 -34.52 -23.76
CA LYS A 88 7.34 -34.21 -23.38
C LYS A 88 7.34 -33.61 -21.97
N SER A 89 6.50 -32.59 -21.78
CA SER A 89 6.39 -31.90 -20.50
C SER A 89 6.14 -32.88 -19.37
N PHE A 90 5.26 -33.86 -19.61
CA PHE A 90 4.93 -34.88 -18.61
C PHE A 90 6.16 -35.73 -18.30
N GLU A 91 6.88 -36.05 -19.36
CA GLU A 91 8.08 -36.87 -19.24
C GLU A 91 9.18 -36.15 -18.47
N ASP A 92 9.18 -34.83 -18.48
CA ASP A 92 10.21 -34.06 -17.76
C ASP A 92 10.00 -34.04 -16.23
N ILE A 93 8.76 -34.17 -15.79
CA ILE A 93 8.41 -34.12 -14.38
C ILE A 93 9.34 -34.87 -13.43
N HIS A 94 9.70 -36.11 -13.76
CA HIS A 94 10.57 -36.87 -12.88
C HIS A 94 11.89 -36.12 -12.68
N GLN A 95 12.41 -35.52 -13.75
CA GLN A 95 13.66 -34.78 -13.67
C GLN A 95 13.60 -33.68 -12.62
N TYR A 96 12.47 -32.98 -12.55
CA TYR A 96 12.28 -31.92 -11.58
C TYR A 96 12.14 -32.53 -10.18
N ARG A 97 11.28 -33.52 -10.05
CA ARG A 97 11.09 -34.18 -8.77
C ARG A 97 12.46 -34.63 -8.24
N GLU A 98 13.23 -35.32 -9.09
CA GLU A 98 14.57 -35.82 -8.71
C GLU A 98 15.51 -34.71 -8.25
N GLN A 99 15.50 -33.59 -8.99
CA GLN A 99 16.33 -32.44 -8.68
C GLN A 99 15.96 -31.81 -7.33
N ILE A 100 14.67 -31.59 -7.11
CA ILE A 100 14.19 -31.01 -5.84
C ILE A 100 14.71 -31.90 -4.71
N LYS A 101 14.44 -33.19 -4.88
CA LYS A 101 14.85 -34.21 -3.91
C LYS A 101 16.34 -34.04 -3.67
N ARG A 102 17.10 -33.96 -4.75
CA ARG A 102 18.54 -33.81 -4.65
C ARG A 102 18.91 -32.55 -3.85
N VAL A 103 18.53 -31.39 -4.39
CA VAL A 103 18.83 -30.10 -3.77
C VAL A 103 18.47 -30.03 -2.29
N LYS A 104 17.21 -30.25 -1.97
CA LYS A 104 16.79 -30.18 -0.58
C LYS A 104 17.27 -31.38 0.24
N ASP A 105 17.59 -32.48 -0.44
CA ASP A 105 18.07 -33.67 0.26
C ASP A 105 17.01 -34.24 1.22
N SER A 106 15.87 -34.63 0.65
CA SER A 106 14.74 -35.18 1.39
C SER A 106 13.90 -36.01 0.43
N ASP A 107 13.22 -37.02 0.94
CA ASP A 107 12.41 -37.87 0.07
C ASP A 107 10.93 -37.49 0.12
N ASP A 108 10.59 -36.57 1.03
CA ASP A 108 9.21 -36.13 1.18
C ASP A 108 9.07 -34.61 1.17
N VAL A 109 9.52 -33.98 0.10
CA VAL A 109 9.41 -32.54 0.00
C VAL A 109 7.99 -32.24 -0.45
N PRO A 110 7.27 -31.41 0.31
CA PRO A 110 5.89 -31.08 -0.05
C PRO A 110 5.81 -30.69 -1.51
N MET A 111 4.82 -31.22 -2.22
CA MET A 111 4.65 -30.84 -3.62
C MET A 111 3.42 -31.45 -4.24
N VAL A 112 2.94 -30.81 -5.31
CA VAL A 112 1.74 -31.24 -5.99
C VAL A 112 2.03 -31.41 -7.48
N LEU A 113 1.35 -32.38 -8.11
CA LEU A 113 1.52 -32.59 -9.54
C LEU A 113 0.33 -31.92 -10.21
N VAL A 114 0.61 -30.98 -11.11
CA VAL A 114 -0.44 -30.25 -11.78
C VAL A 114 -0.46 -30.46 -13.30
N GLY A 115 -1.58 -30.97 -13.80
CA GLY A 115 -1.75 -31.17 -15.22
C GLY A 115 -2.57 -29.99 -15.69
N ASN A 116 -1.87 -28.95 -16.14
CA ASN A 116 -2.54 -27.73 -16.57
C ASN A 116 -3.13 -27.85 -17.97
N LYS A 117 -3.85 -26.81 -18.40
CA LYS A 117 -4.46 -26.75 -19.74
C LYS A 117 -5.57 -27.76 -20.00
N CYS A 118 -6.27 -28.16 -18.94
CA CYS A 118 -7.36 -29.12 -19.09
C CYS A 118 -8.64 -28.54 -19.69
N ASP A 119 -8.53 -27.36 -20.30
CA ASP A 119 -9.70 -26.76 -20.93
C ASP A 119 -9.61 -27.09 -22.41
N LEU A 120 -8.45 -27.62 -22.81
CA LEU A 120 -8.18 -28.01 -24.19
C LEU A 120 -8.59 -29.47 -24.42
N ALA A 121 -9.16 -29.73 -25.60
CA ALA A 121 -9.60 -31.07 -25.95
C ALA A 121 -8.45 -32.02 -26.34
N ALA A 122 -7.54 -31.55 -27.17
CA ALA A 122 -6.42 -32.36 -27.66
C ALA A 122 -5.49 -32.98 -26.60
N ARG A 123 -6.06 -33.59 -25.55
CA ARG A 123 -5.25 -34.21 -24.50
C ARG A 123 -4.36 -35.34 -25.01
N THR A 124 -3.09 -35.33 -24.61
CA THR A 124 -2.16 -36.37 -25.03
C THR A 124 -1.60 -37.14 -23.83
N VAL A 125 -1.97 -36.72 -22.62
CA VAL A 125 -1.53 -37.42 -21.42
C VAL A 125 -2.81 -37.78 -20.71
N GLU A 126 -2.94 -39.04 -20.30
CA GLU A 126 -4.15 -39.48 -19.61
C GLU A 126 -4.04 -39.33 -18.09
N SER A 127 -5.13 -38.85 -17.50
CA SER A 127 -5.22 -38.62 -16.05
C SER A 127 -4.70 -39.80 -15.24
N ARG A 128 -5.02 -41.00 -15.70
CA ARG A 128 -4.58 -42.20 -15.01
C ARG A 128 -3.06 -42.23 -14.91
N GLN A 129 -2.40 -42.05 -16.05
CA GLN A 129 -0.95 -42.05 -16.11
C GLN A 129 -0.38 -41.08 -15.08
N ALA A 130 -0.85 -39.83 -15.14
CA ALA A 130 -0.37 -38.82 -14.20
C ALA A 130 -0.72 -39.20 -12.77
N GLN A 131 -1.93 -39.69 -12.55
CA GLN A 131 -2.36 -40.08 -11.22
C GLN A 131 -1.42 -41.12 -10.63
N ASP A 132 -1.00 -42.07 -11.46
CA ASP A 132 -0.08 -43.13 -11.03
C ASP A 132 1.26 -42.56 -10.61
N LEU A 133 1.82 -41.72 -11.47
CA LEU A 133 3.10 -41.08 -11.20
C LEU A 133 3.01 -40.29 -9.90
N ALA A 134 1.83 -39.71 -9.66
CA ALA A 134 1.60 -38.95 -8.44
C ALA A 134 1.69 -39.90 -7.27
N ARG A 135 0.93 -40.99 -7.34
CA ARG A 135 0.91 -41.98 -6.29
C ARG A 135 2.31 -42.55 -6.03
N SER A 136 3.09 -42.69 -7.09
CA SER A 136 4.45 -43.20 -6.93
C SER A 136 5.29 -42.27 -6.06
N TYR A 137 5.03 -40.96 -6.10
CA TYR A 137 5.78 -40.02 -5.28
C TYR A 137 5.06 -39.79 -3.96
N GLY A 138 3.79 -40.19 -3.91
CA GLY A 138 3.00 -40.03 -2.69
C GLY A 138 2.50 -38.60 -2.52
N ILE A 139 2.22 -37.95 -3.64
CA ILE A 139 1.75 -36.57 -3.67
C ILE A 139 0.45 -36.48 -4.47
N PRO A 140 -0.37 -35.45 -4.22
CA PRO A 140 -1.62 -35.35 -4.96
C PRO A 140 -1.46 -34.88 -6.40
N TYR A 141 -2.49 -35.14 -7.21
CA TYR A 141 -2.50 -34.71 -8.60
C TYR A 141 -3.77 -33.89 -8.82
N ILE A 142 -3.61 -32.72 -9.41
CA ILE A 142 -4.75 -31.83 -9.67
C ILE A 142 -4.69 -31.38 -11.12
N GLU A 143 -5.83 -31.40 -11.80
CA GLU A 143 -5.86 -30.95 -13.18
C GLU A 143 -6.39 -29.53 -13.12
N THR A 144 -5.62 -28.62 -13.71
CA THR A 144 -5.96 -27.20 -13.67
C THR A 144 -6.04 -26.51 -15.01
N SER A 145 -6.70 -25.36 -15.02
CA SER A 145 -6.88 -24.57 -16.22
C SER A 145 -6.79 -23.07 -15.98
N ALA A 146 -5.57 -22.55 -16.05
CA ALA A 146 -5.36 -21.14 -15.86
C ALA A 146 -6.32 -20.30 -16.70
N LYS A 147 -6.81 -20.85 -17.81
CA LYS A 147 -7.72 -20.11 -18.69
C LYS A 147 -9.14 -19.95 -18.17
N THR A 148 -9.72 -21.04 -17.67
CA THR A 148 -11.08 -20.98 -17.14
C THR A 148 -11.06 -20.72 -15.63
N ARG A 149 -9.93 -21.03 -15.02
CA ARG A 149 -9.67 -20.85 -13.59
C ARG A 149 -9.82 -22.16 -12.82
N GLN A 150 -10.37 -23.16 -13.52
CA GLN A 150 -10.62 -24.48 -12.96
C GLN A 150 -9.46 -25.14 -12.23
N GLY A 151 -9.67 -25.38 -10.94
CA GLY A 151 -8.70 -26.05 -10.11
C GLY A 151 -7.45 -25.31 -9.70
N VAL A 152 -7.36 -24.04 -10.04
CA VAL A 152 -6.19 -23.25 -9.72
C VAL A 152 -6.06 -23.08 -8.21
N GLU A 153 -7.10 -22.56 -7.57
CA GLU A 153 -7.08 -22.36 -6.13
C GLU A 153 -6.72 -23.68 -5.43
N ASP A 154 -7.37 -24.75 -5.89
CA ASP A 154 -7.15 -26.07 -5.32
C ASP A 154 -5.68 -26.45 -5.40
N ALA A 155 -5.09 -26.26 -6.58
CA ALA A 155 -3.68 -26.60 -6.78
C ALA A 155 -2.78 -25.98 -5.72
N PHE A 156 -2.79 -24.64 -5.69
CA PHE A 156 -1.98 -23.87 -4.75
C PHE A 156 -2.31 -24.13 -3.28
N TYR A 157 -3.58 -23.97 -2.90
CA TYR A 157 -3.97 -24.18 -1.52
C TYR A 157 -3.67 -25.60 -1.02
N THR A 158 -3.83 -26.60 -1.88
CA THR A 158 -3.53 -27.97 -1.48
C THR A 158 -2.06 -28.01 -1.05
N LEU A 159 -1.21 -27.44 -1.88
CA LEU A 159 0.21 -27.39 -1.58
C LEU A 159 0.44 -26.75 -0.21
N VAL A 160 -0.28 -25.66 0.06
CA VAL A 160 -0.17 -24.97 1.35
C VAL A 160 -0.49 -25.98 2.44
N ARG A 161 -1.56 -26.74 2.22
CA ARG A 161 -2.01 -27.75 3.17
C ARG A 161 -0.92 -28.76 3.46
N GLU A 162 -0.17 -29.16 2.45
CA GLU A 162 0.89 -30.14 2.66
C GLU A 162 2.11 -29.55 3.36
N ILE A 163 2.45 -28.31 3.08
CA ILE A 163 3.60 -27.71 3.76
C ILE A 163 3.19 -27.58 5.22
N ARG A 164 1.92 -27.28 5.41
CA ARG A 164 1.32 -27.07 6.72
C ARG A 164 1.35 -28.29 7.63
N GLN A 165 1.12 -29.47 7.07
CA GLN A 165 1.08 -30.71 7.83
C GLN A 165 2.40 -31.47 7.91
N HIS A 166 3.35 -31.08 7.05
CA HIS A 166 4.66 -31.71 7.01
C HIS A 166 5.41 -31.52 8.33
N MET B 1 1.60 6.22 35.76
CA MET B 1 2.02 7.64 35.57
C MET B 1 1.11 8.33 34.57
N THR B 2 1.12 9.66 34.60
CA THR B 2 0.28 10.43 33.70
C THR B 2 0.69 10.23 32.25
N GLU B 3 -0.29 10.25 31.37
CA GLU B 3 -0.04 10.10 29.95
C GLU B 3 -0.67 11.30 29.27
N TYR B 4 0.12 12.01 28.47
CA TYR B 4 -0.41 13.16 27.77
C TYR B 4 -0.57 12.86 26.30
N LYS B 5 -1.74 13.16 25.77
CA LYS B 5 -1.99 12.93 24.37
C LYS B 5 -1.80 14.20 23.57
N LEU B 6 -0.63 14.31 22.93
CA LEU B 6 -0.30 15.47 22.13
C LEU B 6 -0.56 15.26 20.63
N VAL B 7 -1.20 16.24 20.02
CA VAL B 7 -1.50 16.19 18.60
C VAL B 7 -0.74 17.31 17.91
N VAL B 8 -0.15 17.01 16.76
CA VAL B 8 0.62 18.00 16.01
C VAL B 8 -0.15 18.35 14.73
N VAL B 9 -0.71 19.56 14.65
CA VAL B 9 -1.48 20.00 13.48
C VAL B 9 -0.72 21.05 12.66
N GLY B 10 -1.17 21.36 11.45
CA GLY B 10 -0.48 22.35 10.65
C GLY B 10 -0.57 22.01 9.18
N ALA B 11 -0.15 22.91 8.31
CA ALA B 11 -0.22 22.65 6.88
C ALA B 11 0.90 21.68 6.51
N GLY B 12 0.71 20.94 5.42
CA GLY B 12 1.74 20.00 5.01
C GLY B 12 2.97 20.71 4.46
N GLY B 13 4.15 20.12 4.63
CA GLY B 13 5.38 20.73 4.13
C GLY B 13 6.13 21.56 5.17
N VAL B 14 5.56 21.69 6.36
CA VAL B 14 6.19 22.49 7.42
C VAL B 14 7.07 21.70 8.40
N GLY B 15 7.27 20.41 8.13
CA GLY B 15 8.11 19.61 8.99
C GLY B 15 7.47 18.95 10.19
N LYS B 16 6.16 19.07 10.36
CA LYS B 16 5.47 18.44 11.49
C LYS B 16 6.06 17.04 11.82
N SER B 17 6.40 16.29 10.77
CA SER B 17 6.94 14.95 10.91
C SER B 17 8.36 14.93 11.44
N ALA B 18 9.16 15.94 11.09
CA ALA B 18 10.53 16.00 11.57
C ALA B 18 10.52 16.30 13.07
N LEU B 19 9.52 17.05 13.51
CA LEU B 19 9.39 17.39 14.94
C LEU B 19 9.15 16.16 15.81
N THR B 20 8.09 15.44 15.49
CA THR B 20 7.74 14.23 16.21
C THR B 20 8.91 13.27 16.20
N ILE B 21 9.51 13.07 15.02
CA ILE B 21 10.64 12.17 14.88
C ILE B 21 11.81 12.63 15.72
N GLN B 22 12.18 13.89 15.58
CA GLN B 22 13.29 14.46 16.33
C GLN B 22 13.11 14.39 17.84
N LEU B 23 11.87 14.20 18.29
CA LEU B 23 11.63 14.11 19.72
C LEU B 23 11.80 12.65 20.13
N ILE B 24 10.93 11.80 19.59
CA ILE B 24 10.91 10.37 19.90
C ILE B 24 12.22 9.65 19.62
N GLN B 25 12.52 9.52 18.33
CA GLN B 25 13.68 8.79 17.85
C GLN B 25 14.99 8.89 18.61
N ASN B 26 15.72 7.78 18.54
CA ASN B 26 17.03 7.61 19.15
C ASN B 26 17.93 8.27 18.11
N HIS B 27 18.70 9.27 18.52
CA HIS B 27 19.55 9.98 17.55
C HIS B 27 20.92 9.40 17.32
N PHE B 28 21.13 8.19 17.79
CA PHE B 28 22.43 7.59 17.61
C PHE B 28 22.29 6.15 17.12
N VAL B 29 21.34 5.98 16.20
CA VAL B 29 21.07 4.69 15.60
C VAL B 29 20.95 4.96 14.10
N ASP B 30 21.58 4.12 13.30
CA ASP B 30 21.54 4.26 11.84
C ASP B 30 20.14 4.28 11.27
N GLU B 31 19.33 3.29 11.62
CA GLU B 31 17.99 3.17 11.08
C GLU B 31 16.85 3.58 12.02
N TYR B 32 15.80 4.17 11.44
CA TYR B 32 14.60 4.60 12.19
C TYR B 32 13.39 3.98 11.51
N ASP B 33 12.49 3.37 12.29
CA ASP B 33 11.32 2.73 11.69
C ASP B 33 10.02 3.18 12.32
N PRO B 34 9.21 3.92 11.55
CA PRO B 34 7.92 4.42 12.04
C PRO B 34 6.85 3.36 12.26
N THR B 35 6.77 2.39 11.36
CA THR B 35 5.77 1.32 11.45
C THR B 35 5.90 0.49 12.72
N ILE B 36 7.03 0.64 13.42
CA ILE B 36 7.30 -0.12 14.64
C ILE B 36 6.44 0.30 15.82
N GLU B 37 5.93 -0.72 16.50
CA GLU B 37 5.08 -0.55 17.67
C GLU B 37 5.59 0.49 18.66
N ASP B 38 4.71 1.43 19.00
CA ASP B 38 5.05 2.45 19.97
C ASP B 38 6.31 3.25 19.66
N SER B 39 6.42 3.73 18.43
CA SER B 39 7.57 4.55 18.06
C SER B 39 7.05 5.97 18.13
N TYR B 40 5.81 6.08 18.61
CA TYR B 40 5.12 7.35 18.76
C TYR B 40 5.04 7.72 20.24
N ARG B 41 5.39 6.77 21.11
CA ARG B 41 5.37 6.99 22.56
C ARG B 41 6.76 7.16 23.14
N LYS B 42 6.85 7.94 24.20
CA LYS B 42 8.13 8.20 24.82
C LYS B 42 7.88 8.62 26.25
N GLN B 43 8.72 8.13 27.15
CA GLN B 43 8.61 8.46 28.55
C GLN B 43 9.64 9.55 28.81
N VAL B 44 9.21 10.64 29.41
CA VAL B 44 10.12 11.73 29.70
C VAL B 44 9.89 12.31 31.09
N VAL B 45 10.88 13.03 31.60
CA VAL B 45 10.80 13.69 32.91
C VAL B 45 10.68 15.18 32.61
N ILE B 46 9.64 15.82 33.11
CA ILE B 46 9.45 17.24 32.85
C ILE B 46 9.28 17.97 34.17
N ASP B 47 10.29 18.76 34.54
CA ASP B 47 10.29 19.51 35.79
C ASP B 47 10.24 18.48 36.92
N GLY B 48 11.09 17.45 36.80
CA GLY B 48 11.17 16.40 37.80
C GLY B 48 10.03 15.41 37.86
N GLU B 49 8.97 15.65 37.09
CA GLU B 49 7.82 14.75 37.06
C GLU B 49 7.91 13.84 35.83
N THR B 50 7.81 12.53 36.05
CA THR B 50 7.86 11.57 34.96
C THR B 50 6.47 11.29 34.38
N CYS B 51 6.38 11.25 33.06
CA CYS B 51 5.11 11.03 32.38
C CYS B 51 5.32 10.37 31.02
N LEU B 52 4.20 10.00 30.38
CA LEU B 52 4.25 9.36 29.08
C LEU B 52 3.66 10.26 27.97
N LEU B 53 4.47 10.55 26.97
CA LEU B 53 4.04 11.37 25.84
C LEU B 53 3.54 10.49 24.70
N ASP B 54 2.25 10.61 24.35
CA ASP B 54 1.67 9.84 23.25
C ASP B 54 1.42 10.85 22.14
N ILE B 55 2.25 10.81 21.10
CA ILE B 55 2.12 11.79 20.02
C ILE B 55 1.45 11.36 18.72
N LEU B 56 0.45 12.14 18.33
CA LEU B 56 -0.28 11.88 17.11
C LEU B 56 0.16 12.82 15.99
N ASP B 57 0.91 12.28 15.03
CA ASP B 57 1.35 13.03 13.88
C ASP B 57 0.77 12.33 12.68
N THR B 58 -0.07 13.05 11.92
CA THR B 58 -0.69 12.47 10.74
C THR B 58 -0.11 13.08 9.47
N GLY B 59 1.18 13.35 9.52
CA GLY B 59 1.84 13.90 8.35
C GLY B 59 1.54 13.09 7.10
N GLY B 60 1.31 13.79 6.00
CA GLY B 60 1.03 13.14 4.74
C GLY B 60 -0.45 12.91 4.47
N GLN B 61 -1.27 13.02 5.51
CA GLN B 61 -2.69 12.81 5.36
C GLN B 61 -3.47 14.12 5.31
N GLU B 62 -2.77 15.22 5.07
CA GLU B 62 -3.42 16.53 5.03
C GLU B 62 -4.62 16.60 4.10
N GLU B 63 -4.51 15.96 2.94
CA GLU B 63 -5.56 15.96 1.94
C GLU B 63 -6.86 15.32 2.41
N TYR B 64 -6.79 14.51 3.46
CA TYR B 64 -7.98 13.84 4.02
C TYR B 64 -8.67 14.81 5.00
N SER B 65 -9.00 16.02 4.54
CA SER B 65 -9.63 17.06 5.38
C SER B 65 -10.80 16.68 6.27
N ALA B 66 -11.66 15.77 5.79
CA ALA B 66 -12.82 15.37 6.56
C ALA B 66 -12.51 14.58 7.85
N MET B 67 -11.28 14.06 7.98
CA MET B 67 -10.86 13.30 9.17
C MET B 67 -10.17 14.16 10.21
N ARG B 68 -10.13 15.46 9.97
CA ARG B 68 -9.45 16.36 10.89
C ARG B 68 -10.07 16.30 12.27
N ASP B 69 -11.36 16.59 12.33
CA ASP B 69 -12.10 16.60 13.58
C ASP B 69 -11.86 15.34 14.43
N GLN B 70 -11.88 14.17 13.81
CA GLN B 70 -11.65 12.95 14.56
C GLN B 70 -10.26 12.96 15.18
N TYR B 71 -9.23 13.10 14.34
CA TYR B 71 -7.88 13.11 14.88
C TYR B 71 -7.68 14.13 16.01
N MET B 72 -8.14 15.35 15.80
CA MET B 72 -7.97 16.41 16.80
C MET B 72 -8.63 16.11 18.13
N ARG B 73 -9.85 15.58 18.11
CA ARG B 73 -10.54 15.30 19.36
C ARG B 73 -9.79 14.35 20.31
N THR B 74 -9.01 13.44 19.76
CA THR B 74 -8.27 12.50 20.60
C THR B 74 -7.20 13.20 21.41
N GLY B 75 -7.06 14.51 21.24
CA GLY B 75 -5.99 15.22 21.94
C GLY B 75 -6.24 16.12 23.12
N GLU B 76 -5.27 16.12 24.04
CA GLU B 76 -5.34 16.94 25.23
C GLU B 76 -4.64 18.25 24.94
N GLY B 77 -3.58 18.19 24.14
CA GLY B 77 -2.83 19.39 23.81
C GLY B 77 -2.44 19.42 22.36
N PHE B 78 -2.28 20.62 21.80
CA PHE B 78 -1.96 20.72 20.40
C PHE B 78 -0.75 21.55 20.05
N LEU B 79 -0.01 21.08 19.06
CA LEU B 79 1.16 21.78 18.58
C LEU B 79 0.75 22.31 17.20
N CYS B 80 0.58 23.62 17.09
CA CYS B 80 0.22 24.23 15.80
C CYS B 80 1.52 24.67 15.18
N VAL B 81 1.90 24.00 14.10
CA VAL B 81 3.17 24.24 13.43
C VAL B 81 3.04 24.90 12.07
N PHE B 82 4.01 25.75 11.76
CA PHE B 82 4.06 26.44 10.47
C PHE B 82 5.55 26.61 10.14
N ALA B 83 5.89 26.64 8.86
CA ALA B 83 7.28 26.81 8.47
C ALA B 83 7.57 28.31 8.42
N ILE B 84 8.73 28.73 8.92
CA ILE B 84 9.06 30.15 8.92
C ILE B 84 9.31 30.74 7.51
N ASN B 85 9.51 29.87 6.52
CA ASN B 85 9.76 30.32 5.16
C ASN B 85 8.54 30.10 4.30
N ASN B 86 7.39 29.88 4.94
CA ASN B 86 6.17 29.68 4.19
C ASN B 86 5.00 30.46 4.75
N THR B 87 4.84 31.70 4.28
CA THR B 87 3.79 32.59 4.75
C THR B 87 2.40 31.99 4.75
N LYS B 88 2.01 31.27 3.70
CA LYS B 88 0.67 30.69 3.66
C LYS B 88 0.41 29.80 4.85
N SER B 89 1.37 28.92 5.18
CA SER B 89 1.21 28.02 6.31
C SER B 89 1.02 28.82 7.58
N PHE B 90 1.69 29.96 7.67
CA PHE B 90 1.57 30.80 8.85
C PHE B 90 0.13 31.30 8.99
N GLU B 91 -0.40 31.80 7.89
CA GLU B 91 -1.74 32.35 7.85
C GLU B 91 -2.77 31.27 8.13
N ASP B 92 -2.46 30.02 7.80
CA ASP B 92 -3.40 28.94 8.07
C ASP B 92 -3.52 28.67 9.57
N ILE B 93 -2.53 29.09 10.35
CA ILE B 93 -2.56 28.84 11.78
C ILE B 93 -3.88 29.19 12.45
N HIS B 94 -4.47 30.31 12.07
CA HIS B 94 -5.74 30.75 12.65
C HIS B 94 -6.84 29.71 12.52
N GLN B 95 -7.10 29.25 11.31
CA GLN B 95 -8.15 28.29 11.08
C GLN B 95 -7.97 27.00 11.89
N TYR B 96 -6.73 26.56 12.02
CA TYR B 96 -6.43 25.36 12.80
C TYR B 96 -6.83 25.60 14.24
N ARG B 97 -6.48 26.77 14.76
CA ARG B 97 -6.84 27.09 16.13
C ARG B 97 -8.34 27.09 16.30
N GLU B 98 -9.06 27.64 15.33
CA GLU B 98 -10.52 27.68 15.41
C GLU B 98 -11.10 26.27 15.33
N GLN B 99 -10.53 25.46 14.45
CA GLN B 99 -10.99 24.10 14.28
C GLN B 99 -10.77 23.27 15.55
N ILE B 100 -9.64 23.50 16.22
CA ILE B 100 -9.35 22.78 17.46
C ILE B 100 -10.37 23.19 18.50
N LYS B 101 -10.51 24.50 18.68
CA LYS B 101 -11.46 25.06 19.64
C LYS B 101 -12.85 24.49 19.41
N ARG B 102 -13.22 24.28 18.15
CA ARG B 102 -14.53 23.74 17.86
C ARG B 102 -14.69 22.30 18.32
N VAL B 103 -13.93 21.37 17.76
CA VAL B 103 -14.11 19.98 18.18
C VAL B 103 -13.96 19.79 19.68
N LYS B 104 -13.04 20.51 20.32
CA LYS B 104 -12.84 20.38 21.77
C LYS B 104 -13.93 21.10 22.55
N ASP B 105 -14.66 21.97 21.84
CA ASP B 105 -15.76 22.73 22.42
C ASP B 105 -15.27 23.47 23.66
N SER B 106 -14.29 24.32 23.45
CA SER B 106 -13.72 25.11 24.52
C SER B 106 -12.97 26.29 23.93
N ASP B 107 -12.84 27.37 24.68
CA ASP B 107 -12.12 28.52 24.18
C ASP B 107 -10.75 28.48 24.79
N ASP B 108 -10.56 27.56 25.72
CA ASP B 108 -9.28 27.43 26.40
C ASP B 108 -8.75 26.01 26.24
N VAL B 109 -8.02 25.79 25.15
CA VAL B 109 -7.44 24.48 24.87
C VAL B 109 -5.94 24.63 24.88
N PRO B 110 -5.24 23.76 25.61
CA PRO B 110 -3.77 23.82 25.69
C PRO B 110 -3.10 23.70 24.32
N MET B 111 -2.36 24.72 23.91
CA MET B 111 -1.67 24.65 22.62
C MET B 111 -0.48 25.60 22.53
N VAL B 112 0.45 25.24 21.66
CA VAL B 112 1.66 26.03 21.46
C VAL B 112 1.87 26.35 19.99
N LEU B 113 2.31 27.56 19.70
CA LEU B 113 2.58 27.93 18.32
C LEU B 113 4.05 27.62 18.07
N VAL B 114 4.34 26.86 17.02
CA VAL B 114 5.72 26.49 16.70
C VAL B 114 6.14 26.95 15.31
N GLY B 115 7.16 27.81 15.24
CA GLY B 115 7.65 28.25 13.96
C GLY B 115 8.77 27.27 13.69
N ASN B 116 8.75 26.62 12.53
CA ASN B 116 9.77 25.63 12.21
C ASN B 116 10.65 25.96 11.02
N LYS B 117 11.95 25.73 11.19
CA LYS B 117 12.94 25.97 10.16
C LYS B 117 13.17 24.63 9.49
N CYS B 118 12.76 24.52 8.23
CA CYS B 118 12.87 23.28 7.46
C CYS B 118 14.12 23.20 6.63
N ASP B 119 14.56 24.34 6.11
CA ASP B 119 15.77 24.39 5.28
C ASP B 119 16.40 25.77 5.34
N LEU B 120 17.29 26.03 4.38
CA LEU B 120 18.01 27.31 4.35
C LEU B 120 17.39 28.41 3.48
N ALA B 121 16.18 28.19 2.98
CA ALA B 121 15.51 29.20 2.16
C ALA B 121 15.36 30.47 2.98
N ALA B 122 15.06 31.56 2.32
CA ALA B 122 14.91 32.81 3.04
C ALA B 122 13.72 32.76 4.00
N ARG B 123 13.93 33.25 5.22
CA ARG B 123 12.86 33.31 6.20
C ARG B 123 11.83 34.32 5.69
N THR B 124 10.54 34.03 5.86
CA THR B 124 9.49 34.94 5.40
C THR B 124 8.51 35.35 6.47
N VAL B 125 8.60 34.70 7.63
CA VAL B 125 7.75 35.05 8.75
C VAL B 125 8.75 35.44 9.83
N GLU B 126 8.71 36.71 10.21
CA GLU B 126 9.64 37.25 11.19
C GLU B 126 9.24 36.94 12.62
N SER B 127 10.19 36.42 13.37
CA SER B 127 9.98 36.06 14.76
C SER B 127 8.90 36.89 15.46
N ARG B 128 9.05 38.22 15.42
CA ARG B 128 8.10 39.14 16.03
C ARG B 128 6.68 38.86 15.59
N GLN B 129 6.50 38.62 14.30
CA GLN B 129 5.18 38.32 13.76
C GLN B 129 4.48 37.21 14.51
N ALA B 130 5.13 36.05 14.60
CA ALA B 130 4.56 34.91 15.31
C ALA B 130 4.39 35.28 16.79
N GLN B 131 5.43 35.91 17.36
CA GLN B 131 5.40 36.37 18.74
C GLN B 131 4.07 37.05 19.03
N ASP B 132 3.76 38.07 18.22
CA ASP B 132 2.52 38.84 18.36
C ASP B 132 1.27 37.98 18.19
N LEU B 133 1.28 37.04 17.25
CA LEU B 133 0.12 36.18 17.04
C LEU B 133 -0.05 35.27 18.24
N ALA B 134 1.06 34.70 18.69
CA ALA B 134 1.02 33.81 19.83
C ALA B 134 0.46 34.54 21.04
N ARG B 135 0.85 35.81 21.22
CA ARG B 135 0.36 36.58 22.36
C ARG B 135 -1.11 36.94 22.26
N SER B 136 -1.57 37.25 21.06
CA SER B 136 -2.97 37.58 20.88
C SER B 136 -3.82 36.37 21.24
N TYR B 137 -3.32 35.18 20.93
CA TYR B 137 -4.04 33.94 21.26
C TYR B 137 -3.81 33.61 22.71
N GLY B 138 -2.78 34.21 23.28
CA GLY B 138 -2.46 33.94 24.66
C GLY B 138 -1.83 32.57 24.85
N ILE B 139 -1.04 32.13 23.88
CA ILE B 139 -0.38 30.83 23.97
C ILE B 139 1.11 31.04 23.72
N PRO B 140 1.96 30.12 24.21
CA PRO B 140 3.41 30.25 24.02
C PRO B 140 3.82 30.07 22.56
N TYR B 141 4.97 30.63 22.19
CA TYR B 141 5.50 30.50 20.84
C TYR B 141 6.91 29.97 20.97
N ILE B 142 7.23 28.94 20.19
CA ILE B 142 8.55 28.36 20.22
C ILE B 142 9.00 28.21 18.79
N GLU B 143 10.25 28.53 18.52
CA GLU B 143 10.79 28.42 17.17
C GLU B 143 11.72 27.22 17.20
N THR B 144 11.70 26.41 16.16
CA THR B 144 12.55 25.24 16.15
C THR B 144 13.24 25.04 14.82
N SER B 145 14.22 24.15 14.83
CA SER B 145 15.00 23.78 13.67
C SER B 145 15.10 22.29 13.83
N ALA B 146 13.95 21.64 13.71
CA ALA B 146 13.81 20.20 13.85
C ALA B 146 15.03 19.39 13.34
N LYS B 147 15.66 19.80 12.24
CA LYS B 147 16.81 19.06 11.72
C LYS B 147 18.09 19.20 12.55
N THR B 148 18.28 20.35 13.21
CA THR B 148 19.45 20.52 14.05
C THR B 148 19.06 20.24 15.51
N ARG B 149 17.88 19.66 15.67
CA ARG B 149 17.35 19.28 16.98
C ARG B 149 17.04 20.44 17.94
N GLN B 150 17.43 21.65 17.56
CA GLN B 150 17.19 22.80 18.41
C GLN B 150 15.71 23.15 18.58
N GLY B 151 15.31 23.38 19.83
CA GLY B 151 13.94 23.77 20.13
C GLY B 151 12.91 22.69 20.27
N VAL B 152 13.13 21.54 19.67
CA VAL B 152 12.15 20.46 19.71
C VAL B 152 11.65 20.05 21.10
N GLU B 153 12.57 19.84 22.03
CA GLU B 153 12.17 19.45 23.38
C GLU B 153 11.40 20.57 24.04
N ASP B 154 11.92 21.77 23.87
CA ASP B 154 11.27 22.93 24.42
C ASP B 154 9.81 22.95 23.94
N ALA B 155 9.62 22.88 22.62
CA ALA B 155 8.28 22.89 22.02
C ALA B 155 7.32 21.92 22.64
N PHE B 156 7.74 20.66 22.77
CA PHE B 156 6.88 19.65 23.35
C PHE B 156 6.68 19.84 24.85
N TYR B 157 7.77 20.01 25.59
CA TYR B 157 7.67 20.20 27.03
C TYR B 157 6.80 21.39 27.38
N THR B 158 7.02 22.52 26.71
CA THR B 158 6.23 23.71 26.96
C THR B 158 4.74 23.36 26.90
N LEU B 159 4.34 22.57 25.92
CA LEU B 159 2.95 22.19 25.79
C LEU B 159 2.51 21.37 26.98
N VAL B 160 3.29 20.36 27.36
CA VAL B 160 2.93 19.54 28.51
C VAL B 160 2.67 20.45 29.70
N ARG B 161 3.53 21.46 29.89
CA ARG B 161 3.37 22.41 30.97
C ARG B 161 2.03 23.10 30.83
N GLU B 162 1.64 23.42 29.60
CA GLU B 162 0.34 24.06 29.38
C GLU B 162 -0.79 23.16 29.90
N ILE B 163 -0.76 21.90 29.50
CA ILE B 163 -1.78 20.95 29.91
C ILE B 163 -1.89 20.90 31.42
N ARG B 164 -0.74 20.73 32.07
CA ARG B 164 -0.65 20.64 33.53
C ARG B 164 -1.21 21.87 34.22
N GLN B 165 -0.83 23.04 33.72
CA GLN B 165 -1.28 24.29 34.29
C GLN B 165 -2.59 24.79 33.72
N HIS B 166 -3.41 23.88 33.19
CA HIS B 166 -4.69 24.30 32.64
C HIS B 166 -5.77 24.19 33.69
N GLN C 1 36.25 -23.12 -5.65
CA GLN C 1 36.57 -21.67 -5.76
C GLN C 1 36.58 -21.23 -7.23
N MET C 2 35.84 -20.16 -7.53
CA MET C 2 35.72 -19.64 -8.88
C MET C 2 36.38 -18.26 -9.02
N ARG C 3 37.29 -18.13 -9.97
CA ARG C 3 38.00 -16.88 -10.22
C ARG C 3 37.19 -15.87 -11.01
N LEU C 4 37.27 -14.61 -10.61
CA LEU C 4 36.55 -13.53 -11.25
C LEU C 4 37.49 -12.73 -12.13
N PRO C 5 36.95 -11.95 -13.09
CA PRO C 5 37.77 -11.13 -13.98
C PRO C 5 38.62 -10.19 -13.15
N SER C 6 39.53 -9.48 -13.79
CA SER C 6 40.39 -8.56 -13.09
C SER C 6 39.64 -7.26 -12.81
N ALA C 7 39.53 -6.92 -11.53
CA ALA C 7 38.84 -5.72 -11.10
C ALA C 7 39.28 -4.49 -11.87
N ASP C 8 40.25 -4.67 -12.77
CA ASP C 8 40.77 -3.58 -13.59
C ASP C 8 40.08 -3.49 -14.93
N VAL C 9 39.48 -4.59 -15.36
CA VAL C 9 38.77 -4.63 -16.63
C VAL C 9 37.26 -4.81 -16.41
N TYR C 10 36.88 -4.97 -15.15
CA TYR C 10 35.48 -5.17 -14.78
C TYR C 10 35.26 -4.68 -13.35
N ARG C 11 34.67 -3.48 -13.24
CA ARG C 11 34.41 -2.83 -11.96
C ARG C 11 33.63 -3.67 -10.94
N PHE C 12 32.69 -4.49 -11.41
CA PHE C 12 31.89 -5.28 -10.50
C PHE C 12 32.60 -6.53 -9.98
N ALA C 13 33.92 -6.48 -9.93
CA ALA C 13 34.68 -7.62 -9.45
C ALA C 13 35.31 -7.32 -8.11
N GLU C 14 35.35 -6.03 -7.74
CA GLU C 14 35.93 -5.60 -6.47
C GLU C 14 35.35 -6.42 -5.32
N PRO C 15 36.23 -6.97 -4.48
CA PRO C 15 35.75 -7.78 -3.36
C PRO C 15 34.94 -6.92 -2.39
N ASP C 16 34.01 -7.53 -1.66
CA ASP C 16 33.22 -6.75 -0.71
C ASP C 16 34.07 -6.34 0.48
N SER C 17 33.82 -5.16 1.01
CA SER C 17 34.54 -4.68 2.18
C SER C 17 33.63 -3.75 2.97
N GLU C 18 33.97 -3.48 4.21
CA GLU C 18 33.17 -2.60 5.05
C GLU C 18 33.15 -1.21 4.44
N GLU C 19 33.91 -1.04 3.36
CA GLU C 19 33.99 0.25 2.70
C GLU C 19 33.20 0.41 1.42
N ASN C 20 32.37 -0.58 1.07
CA ASN C 20 31.56 -0.46 -0.16
C ASN C 20 30.24 -1.23 -0.09
N ILE C 21 30.04 -1.98 1.00
CA ILE C 21 28.81 -2.74 1.17
C ILE C 21 28.61 -3.16 2.63
N ILE C 22 27.39 -2.96 3.14
CA ILE C 22 27.04 -3.32 4.51
C ILE C 22 25.79 -4.17 4.46
N PHE C 23 25.75 -5.19 5.31
CA PHE C 23 24.62 -6.09 5.36
C PHE C 23 23.83 -6.00 6.65
N GLU C 24 22.55 -6.32 6.56
CA GLU C 24 21.70 -6.29 7.72
C GLU C 24 22.10 -7.54 8.52
N GLU C 25 22.15 -7.41 9.85
CA GLU C 25 22.57 -8.51 10.72
C GLU C 25 21.65 -9.72 10.59
N GLY C 32 17.83 -18.53 3.19
CA GLY C 32 17.87 -17.13 3.58
C GLY C 32 19.03 -16.36 2.95
N ILE C 33 18.71 -15.55 1.96
CA ILE C 33 19.71 -14.74 1.26
C ILE C 33 20.04 -13.46 2.05
N PRO C 34 21.19 -12.84 1.75
CA PRO C 34 21.62 -11.62 2.43
C PRO C 34 20.66 -10.45 2.23
N ILE C 35 20.69 -9.52 3.17
CA ILE C 35 19.85 -8.32 3.11
C ILE C 35 20.82 -7.14 3.20
N ILE C 36 20.81 -6.33 2.15
CA ILE C 36 21.71 -5.18 2.04
C ILE C 36 21.28 -3.93 2.79
N LYS C 37 22.08 -3.55 3.77
CA LYS C 37 21.79 -2.36 4.55
C LYS C 37 22.21 -1.11 3.78
N ALA C 38 23.43 -1.13 3.25
CA ALA C 38 23.94 0.00 2.49
C ALA C 38 25.06 -0.45 1.55
N GLY C 39 25.30 0.35 0.51
CA GLY C 39 26.34 0.03 -0.44
C GLY C 39 26.52 1.10 -1.51
N THR C 40 27.58 0.94 -2.31
CA THR C 40 27.88 1.87 -3.39
C THR C 40 27.02 1.48 -4.58
N VAL C 41 26.67 2.46 -5.41
CA VAL C 41 25.82 2.21 -6.57
C VAL C 41 26.29 0.96 -7.30
N ILE C 42 27.62 0.84 -7.45
CA ILE C 42 28.20 -0.32 -8.12
C ILE C 42 27.89 -1.59 -7.35
N LYS C 43 28.19 -1.60 -6.06
CA LYS C 43 27.94 -2.77 -5.23
C LYS C 43 26.46 -3.15 -5.22
N LEU C 44 25.61 -2.14 -5.33
CA LEU C 44 24.16 -2.36 -5.31
C LEU C 44 23.75 -3.09 -6.59
N ILE C 45 24.13 -2.52 -7.72
CA ILE C 45 23.80 -3.10 -9.01
C ILE C 45 24.43 -4.49 -9.18
N GLU C 46 25.51 -4.75 -8.44
CA GLU C 46 26.16 -6.05 -8.49
C GLU C 46 25.21 -7.05 -7.84
N ARG C 47 24.65 -6.67 -6.70
CA ARG C 47 23.72 -7.55 -6.00
C ARG C 47 22.37 -7.56 -6.69
N LEU C 48 22.07 -6.49 -7.41
CA LEU C 48 20.82 -6.38 -8.14
C LEU C 48 20.75 -7.52 -9.13
N THR C 49 21.91 -7.94 -9.61
CA THR C 49 22.00 -9.02 -10.57
C THR C 49 23.01 -10.06 -10.10
N TYR C 50 22.96 -10.40 -8.82
CA TYR C 50 23.89 -11.36 -8.24
C TYR C 50 23.76 -12.74 -8.89
N HIS C 51 24.89 -13.45 -9.00
CA HIS C 51 24.91 -14.77 -9.61
C HIS C 51 24.68 -15.93 -8.65
N MET C 52 24.90 -15.72 -7.36
CA MET C 52 24.72 -16.79 -6.39
C MET C 52 23.30 -17.25 -6.08
N TYR C 53 22.39 -16.31 -5.87
CA TYR C 53 20.99 -16.64 -5.57
C TYR C 53 20.05 -15.76 -6.37
N ALA C 54 18.76 -15.95 -6.15
CA ALA C 54 17.74 -15.17 -6.84
C ALA C 54 16.99 -14.33 -5.81
N ASP C 55 16.51 -13.16 -6.23
CA ASP C 55 15.80 -12.27 -5.32
C ASP C 55 14.98 -11.21 -6.06
N PRO C 56 13.92 -11.64 -6.76
CA PRO C 56 13.06 -10.73 -7.52
C PRO C 56 12.53 -9.55 -6.72
N ASN C 57 12.55 -9.70 -5.40
CA ASN C 57 12.07 -8.65 -4.54
C ASN C 57 13.04 -7.48 -4.67
N PHE C 58 14.32 -7.80 -4.78
CA PHE C 58 15.35 -6.79 -4.90
C PHE C 58 15.17 -5.99 -6.18
N VAL C 59 14.78 -6.67 -7.25
CA VAL C 59 14.55 -6.00 -8.53
C VAL C 59 13.43 -4.99 -8.40
N ARG C 60 12.29 -5.41 -7.85
CA ARG C 60 11.16 -4.50 -7.68
C ARG C 60 11.59 -3.37 -6.76
N THR C 61 12.19 -3.71 -5.62
CA THR C 61 12.63 -2.69 -4.69
C THR C 61 13.52 -1.67 -5.37
N PHE C 62 14.62 -2.14 -5.94
CA PHE C 62 15.57 -1.25 -6.60
C PHE C 62 14.91 -0.37 -7.67
N LEU C 63 14.26 -0.98 -8.65
CA LEU C 63 13.64 -0.23 -9.73
C LEU C 63 12.54 0.74 -9.30
N THR C 64 12.07 0.60 -8.07
CA THR C 64 11.02 1.46 -7.55
C THR C 64 11.58 2.68 -6.86
N THR C 65 12.82 2.54 -6.38
CA THR C 65 13.44 3.60 -5.60
C THR C 65 14.82 4.14 -6.02
N TYR C 66 15.43 3.53 -7.02
CA TYR C 66 16.78 3.93 -7.44
C TYR C 66 16.92 5.38 -7.85
N ARG C 67 15.86 5.93 -8.42
CA ARG C 67 15.91 7.30 -8.89
C ARG C 67 16.41 8.31 -7.88
N SER C 68 16.31 7.98 -6.59
CA SER C 68 16.75 8.91 -5.54
C SER C 68 18.25 8.96 -5.39
N PHE C 69 18.94 7.93 -5.89
CA PHE C 69 20.39 7.87 -5.78
C PHE C 69 21.12 7.57 -7.09
N CYS C 70 20.39 7.48 -8.19
CA CYS C 70 21.03 7.18 -9.47
C CYS C 70 20.09 7.60 -10.57
N LYS C 71 20.60 8.28 -11.59
CA LYS C 71 19.74 8.73 -12.68
C LYS C 71 19.48 7.58 -13.65
N PRO C 72 18.36 7.63 -14.40
CA PRO C 72 18.00 6.59 -15.36
C PRO C 72 19.13 6.34 -16.37
N GLN C 73 19.59 7.41 -17.00
CA GLN C 73 20.68 7.32 -17.97
C GLN C 73 21.86 6.57 -17.38
N GLU C 74 22.18 6.86 -16.11
CA GLU C 74 23.31 6.23 -15.43
C GLU C 74 23.05 4.77 -15.12
N LEU C 75 21.81 4.46 -14.75
CA LEU C 75 21.47 3.08 -14.43
C LEU C 75 21.77 2.24 -15.66
N LEU C 76 21.26 2.68 -16.81
CA LEU C 76 21.46 1.96 -18.05
C LEU C 76 22.95 1.74 -18.29
N SER C 77 23.71 2.82 -18.34
CA SER C 77 25.14 2.71 -18.56
C SER C 77 25.79 1.70 -17.63
N LEU C 78 25.28 1.60 -16.41
CA LEU C 78 25.83 0.67 -15.43
C LEU C 78 25.41 -0.78 -15.65
N ILE C 79 24.15 -1.03 -15.97
CA ILE C 79 23.75 -2.42 -16.16
C ILE C 79 24.39 -2.97 -17.43
N ILE C 80 24.61 -2.07 -18.40
CA ILE C 80 25.25 -2.46 -19.65
C ILE C 80 26.67 -2.93 -19.32
N GLU C 81 27.42 -2.12 -18.57
CA GLU C 81 28.77 -2.47 -18.16
C GLU C 81 28.76 -3.83 -17.49
N ARG C 82 27.73 -4.06 -16.68
CA ARG C 82 27.60 -5.31 -15.94
C ARG C 82 27.41 -6.49 -16.89
N PHE C 83 26.66 -6.27 -17.96
CA PHE C 83 26.40 -7.32 -18.95
C PHE C 83 27.64 -7.80 -19.67
N GLU C 84 28.50 -6.86 -20.06
CA GLU C 84 29.72 -7.15 -20.78
C GLU C 84 30.84 -7.64 -19.87
N ILE C 85 30.78 -8.90 -19.52
CA ILE C 85 31.76 -9.54 -18.64
C ILE C 85 32.89 -10.20 -19.45
N PRO C 86 34.16 -9.89 -19.12
CA PRO C 86 35.35 -10.47 -19.78
C PRO C 86 35.64 -11.89 -19.28
N GLU C 87 35.96 -12.80 -20.18
CA GLU C 87 36.29 -14.16 -19.74
C GLU C 87 37.80 -14.14 -19.43
N PRO C 88 38.22 -14.75 -18.31
CA PRO C 88 39.61 -14.88 -17.81
C PRO C 88 40.64 -15.28 -18.88
N GLU C 108 37.36 -24.87 -17.22
CA GLU C 108 36.93 -23.79 -16.33
C GLU C 108 36.05 -22.78 -17.04
N LEU C 109 36.46 -22.37 -18.23
CA LEU C 109 35.70 -21.40 -19.01
C LEU C 109 34.22 -21.81 -19.09
N LYS C 110 33.96 -23.12 -19.22
CA LYS C 110 32.58 -23.62 -19.29
C LYS C 110 31.92 -23.53 -17.91
N ARG C 111 32.74 -23.49 -16.86
CA ARG C 111 32.22 -23.38 -15.51
C ARG C 111 31.84 -21.92 -15.25
N PHE C 112 32.78 -21.03 -15.52
CA PHE C 112 32.58 -19.60 -15.33
C PHE C 112 31.36 -19.11 -16.14
N ARG C 113 31.20 -19.62 -17.35
CA ARG C 113 30.08 -19.23 -18.18
C ARG C 113 28.78 -19.71 -17.56
N LYS C 114 28.78 -20.97 -17.11
CA LYS C 114 27.59 -21.55 -16.52
C LYS C 114 27.21 -20.97 -15.16
N GLU C 115 28.21 -20.74 -14.30
CA GLU C 115 27.97 -20.22 -12.96
C GLU C 115 28.15 -18.71 -12.74
N TYR C 116 28.65 -17.98 -13.73
CA TYR C 116 28.81 -16.53 -13.57
C TYR C 116 28.19 -15.70 -14.69
N ILE C 117 28.77 -15.77 -15.89
CA ILE C 117 28.24 -14.99 -16.99
C ILE C 117 26.76 -15.20 -17.33
N GLN C 118 26.32 -16.45 -17.38
CA GLN C 118 24.93 -16.73 -17.72
C GLN C 118 23.94 -16.19 -16.72
N PRO C 119 24.07 -16.59 -15.44
CA PRO C 119 23.11 -16.06 -14.47
C PRO C 119 23.11 -14.53 -14.51
N VAL C 120 24.28 -13.93 -14.36
CA VAL C 120 24.39 -12.48 -14.38
C VAL C 120 23.73 -11.84 -15.60
N GLN C 121 24.15 -12.28 -16.79
CA GLN C 121 23.59 -11.72 -18.01
C GLN C 121 22.09 -11.90 -18.13
N LEU C 122 21.58 -13.02 -17.65
CA LEU C 122 20.14 -13.25 -17.71
C LEU C 122 19.47 -12.25 -16.79
N ARG C 123 20.05 -12.10 -15.60
CA ARG C 123 19.51 -11.19 -14.60
C ARG C 123 19.54 -9.73 -15.04
N VAL C 124 20.54 -9.37 -15.84
CA VAL C 124 20.63 -8.01 -16.35
C VAL C 124 19.49 -7.86 -17.35
N LEU C 125 19.18 -8.95 -18.06
CA LEU C 125 18.09 -8.90 -19.02
C LEU C 125 16.78 -8.93 -18.27
N ASN C 126 16.79 -9.48 -17.06
CA ASN C 126 15.57 -9.52 -16.26
C ASN C 126 15.27 -8.09 -15.84
N VAL C 127 16.29 -7.39 -15.38
CA VAL C 127 16.13 -6.02 -14.95
C VAL C 127 15.63 -5.14 -16.10
N CYS C 128 16.13 -5.38 -17.31
CA CYS C 128 15.71 -4.60 -18.47
C CYS C 128 14.24 -4.87 -18.79
N ARG C 129 13.87 -6.14 -18.75
CA ARG C 129 12.50 -6.54 -19.02
C ARG C 129 11.53 -5.85 -18.04
N HIS C 130 11.84 -5.93 -16.74
CA HIS C 130 11.03 -5.32 -15.69
C HIS C 130 10.95 -3.82 -15.80
N TRP C 131 12.11 -3.23 -16.02
CA TRP C 131 12.24 -1.78 -16.14
C TRP C 131 11.32 -1.23 -17.22
N VAL C 132 11.31 -1.91 -18.37
CA VAL C 132 10.49 -1.50 -19.51
C VAL C 132 9.03 -1.85 -19.31
N GLU C 133 8.77 -2.97 -18.63
CA GLU C 133 7.39 -3.42 -18.42
C GLU C 133 6.63 -2.69 -17.32
N HIS C 134 7.29 -2.42 -16.20
CA HIS C 134 6.63 -1.78 -15.06
C HIS C 134 7.07 -0.40 -14.63
N HIS C 135 8.06 0.16 -15.30
CA HIS C 135 8.52 1.50 -14.93
C HIS C 135 8.79 2.26 -16.21
N PHE C 136 8.02 1.94 -17.24
CA PHE C 136 8.17 2.54 -18.56
C PHE C 136 8.21 4.06 -18.61
N TYR C 137 7.56 4.72 -17.65
CA TYR C 137 7.54 6.18 -17.61
C TYR C 137 8.95 6.78 -17.73
N ASP C 138 9.97 6.02 -17.30
CA ASP C 138 11.35 6.49 -17.38
C ASP C 138 11.75 6.74 -18.84
N PHE C 139 11.20 5.93 -19.73
CA PHE C 139 11.49 6.04 -21.14
C PHE C 139 10.55 7.00 -21.81
N GLU C 140 9.34 7.09 -21.29
CA GLU C 140 8.37 8.02 -21.86
C GLU C 140 8.90 9.45 -21.71
N ARG C 141 9.45 9.75 -20.54
CA ARG C 141 9.97 11.08 -20.26
C ARG C 141 11.36 11.36 -20.83
N ASP C 142 12.05 10.33 -21.30
CA ASP C 142 13.38 10.51 -21.87
C ASP C 142 13.58 9.61 -23.10
N ALA C 143 13.28 10.14 -24.27
CA ALA C 143 13.39 9.39 -25.50
C ALA C 143 14.77 8.81 -25.82
N TYR C 144 15.83 9.48 -25.39
CA TYR C 144 17.17 8.99 -25.67
C TYR C 144 17.51 7.74 -24.84
N LEU C 145 16.84 7.59 -23.70
CA LEU C 145 17.08 6.44 -22.83
C LEU C 145 16.52 5.22 -23.55
N LEU C 146 15.31 5.37 -24.08
CA LEU C 146 14.66 4.29 -24.81
C LEU C 146 15.57 3.90 -25.98
N GLN C 147 16.03 4.90 -26.73
CA GLN C 147 16.91 4.65 -27.86
C GLN C 147 18.10 3.79 -27.45
N ARG C 148 18.76 4.17 -26.37
CA ARG C 148 19.91 3.43 -25.88
C ARG C 148 19.51 2.02 -25.49
N MET C 149 18.35 1.88 -24.87
CA MET C 149 17.86 0.57 -24.43
C MET C 149 17.63 -0.33 -25.66
N GLU C 150 16.92 0.21 -26.65
CA GLU C 150 16.65 -0.53 -27.87
C GLU C 150 17.97 -0.92 -28.50
N GLU C 151 18.87 0.04 -28.64
CA GLU C 151 20.17 -0.24 -29.22
C GLU C 151 20.87 -1.35 -28.46
N PHE C 152 20.88 -1.26 -27.14
CA PHE C 152 21.52 -2.28 -26.31
C PHE C 152 20.91 -3.66 -26.52
N ILE C 153 19.59 -3.75 -26.37
CA ILE C 153 18.90 -5.02 -26.54
C ILE C 153 19.24 -5.56 -27.93
N GLY C 154 19.26 -4.65 -28.90
CA GLY C 154 19.56 -5.03 -30.26
C GLY C 154 20.97 -5.58 -30.47
N THR C 155 21.89 -5.26 -29.57
CA THR C 155 23.25 -5.74 -29.72
C THR C 155 23.49 -7.04 -28.97
N VAL C 156 22.48 -7.52 -28.25
CA VAL C 156 22.67 -8.76 -27.53
C VAL C 156 22.70 -9.90 -28.54
N ARG C 157 23.90 -10.38 -28.83
CA ARG C 157 24.08 -11.48 -29.78
C ARG C 157 24.15 -12.79 -29.02
N GLY C 158 23.87 -13.89 -29.71
CA GLY C 158 23.87 -15.19 -29.08
C GLY C 158 22.51 -15.85 -29.25
N LYS C 159 22.50 -17.10 -29.66
CA LYS C 159 21.26 -17.83 -29.86
C LYS C 159 20.58 -18.00 -28.51
N ALA C 160 21.39 -18.15 -27.47
CA ALA C 160 20.89 -18.31 -26.11
C ALA C 160 19.95 -17.18 -25.72
N MET C 161 20.52 -15.99 -25.49
CA MET C 161 19.75 -14.79 -25.12
C MET C 161 18.66 -14.43 -26.12
N LYS C 162 18.70 -15.00 -27.32
CA LYS C 162 17.71 -14.69 -28.35
C LYS C 162 16.26 -14.69 -27.85
N LYS C 163 15.89 -15.72 -27.08
CA LYS C 163 14.53 -15.87 -26.52
C LYS C 163 14.05 -14.56 -25.90
N TRP C 164 14.83 -14.10 -24.92
CA TRP C 164 14.57 -12.89 -24.15
C TRP C 164 14.65 -11.63 -24.97
N VAL C 165 15.71 -11.48 -25.75
CA VAL C 165 15.87 -10.29 -26.57
C VAL C 165 14.62 -9.98 -27.38
N GLU C 166 14.04 -11.00 -27.99
CA GLU C 166 12.83 -10.82 -28.79
C GLU C 166 11.65 -10.44 -27.92
N SER C 167 11.63 -10.93 -26.68
CA SER C 167 10.55 -10.64 -25.74
C SER C 167 10.63 -9.19 -25.29
N ILE C 168 11.78 -8.78 -24.76
CA ILE C 168 11.93 -7.39 -24.33
C ILE C 168 11.54 -6.46 -25.47
N THR C 169 11.89 -6.85 -26.69
CA THR C 169 11.60 -6.06 -27.88
C THR C 169 10.10 -5.92 -28.14
N LYS C 170 9.37 -7.02 -28.06
CA LYS C 170 7.92 -6.99 -28.27
C LYS C 170 7.25 -6.16 -27.18
N ILE C 171 7.77 -6.25 -25.97
CA ILE C 171 7.23 -5.50 -24.85
C ILE C 171 7.44 -4.00 -25.09
N ILE C 172 8.64 -3.63 -25.55
CA ILE C 172 8.93 -2.23 -25.81
C ILE C 172 8.01 -1.67 -26.88
N GLN C 173 7.92 -2.37 -28.00
CA GLN C 173 7.05 -1.94 -29.09
C GLN C 173 5.61 -1.86 -28.61
N ARG C 174 5.19 -2.87 -27.85
CA ARG C 174 3.85 -2.93 -27.29
C ARG C 174 3.60 -1.65 -26.48
N LYS C 175 4.54 -1.34 -25.59
CA LYS C 175 4.46 -0.16 -24.72
C LYS C 175 4.44 1.17 -25.47
N LYS C 176 4.99 1.21 -26.68
CA LYS C 176 5.03 2.43 -27.48
C LYS C 176 3.75 2.74 -28.26
N ILE C 177 3.01 1.71 -28.65
CA ILE C 177 1.77 1.96 -29.39
C ILE C 177 0.62 2.22 -28.43
N ALA C 178 0.75 1.75 -27.19
CA ALA C 178 -0.30 1.95 -26.21
C ALA C 178 0.21 1.76 -24.78
N HIS C 185 -7.33 -6.62 -20.00
CA HIS C 185 -7.41 -7.12 -18.60
C HIS C 185 -8.79 -7.68 -18.29
N ASN C 186 -8.99 -8.97 -18.61
CA ASN C 186 -10.24 -9.67 -18.38
C ASN C 186 -10.24 -10.20 -16.95
N ILE C 187 -11.41 -10.62 -16.47
CA ILE C 187 -11.49 -11.15 -15.12
C ILE C 187 -12.34 -12.42 -15.02
N THR C 188 -11.73 -13.47 -14.48
CA THR C 188 -12.43 -14.74 -14.32
C THR C 188 -12.78 -14.86 -12.85
N PHE C 189 -13.97 -15.39 -12.57
CA PHE C 189 -14.37 -15.52 -11.18
C PHE C 189 -14.71 -16.93 -10.73
N GLN C 190 -14.40 -17.22 -9.48
CA GLN C 190 -14.70 -18.52 -8.90
C GLN C 190 -16.20 -18.73 -9.07
N SER C 191 -16.94 -17.88 -8.39
CA SER C 191 -18.40 -17.92 -8.40
C SER C 191 -18.96 -16.85 -9.33
N SER C 192 -20.25 -16.61 -9.20
CA SER C 192 -20.92 -15.60 -10.00
C SER C 192 -21.31 -14.44 -9.06
N PRO C 193 -21.27 -13.20 -9.56
CA PRO C 193 -21.64 -12.07 -8.69
C PRO C 193 -23.10 -12.08 -8.27
N PRO C 194 -23.37 -11.71 -7.01
CA PRO C 194 -24.74 -11.66 -6.47
C PRO C 194 -25.67 -10.77 -7.29
N THR C 195 -26.95 -10.85 -7.01
CA THR C 195 -27.92 -10.06 -7.75
C THR C 195 -27.95 -8.62 -7.27
N VAL C 196 -28.09 -7.67 -8.21
CA VAL C 196 -28.16 -6.27 -7.81
C VAL C 196 -29.42 -6.10 -6.97
N GLU C 197 -29.29 -5.39 -5.86
CA GLU C 197 -30.43 -5.17 -4.97
C GLU C 197 -31.01 -3.78 -5.15
N TRP C 198 -32.34 -3.70 -5.14
CA TRP C 198 -33.05 -2.42 -5.28
C TRP C 198 -34.02 -2.25 -4.11
N HIS C 199 -34.45 -1.02 -3.89
CA HIS C 199 -35.39 -0.71 -2.82
C HIS C 199 -36.49 0.16 -3.41
N ILE C 200 -36.61 1.40 -2.95
CA ILE C 200 -37.62 2.30 -3.44
C ILE C 200 -37.37 2.75 -4.89
N SER C 201 -36.11 3.07 -5.21
CA SER C 201 -35.75 3.51 -6.57
C SER C 201 -35.71 2.30 -7.51
N ARG C 202 -36.21 2.47 -8.73
CA ARG C 202 -36.22 1.35 -9.66
C ARG C 202 -35.26 1.59 -10.80
N PRO C 203 -34.76 0.50 -11.41
CA PRO C 203 -33.83 0.58 -12.52
C PRO C 203 -34.17 1.70 -13.49
N GLY C 204 -33.16 2.43 -13.95
CA GLY C 204 -33.39 3.50 -14.91
C GLY C 204 -34.04 4.79 -14.44
N HIS C 205 -34.28 4.95 -13.14
CA HIS C 205 -34.89 6.17 -12.63
C HIS C 205 -33.93 7.00 -11.77
N ILE C 206 -32.73 7.19 -12.32
CA ILE C 206 -31.65 7.92 -11.70
C ILE C 206 -32.04 9.22 -11.01
N GLU C 207 -33.20 9.76 -11.38
CA GLU C 207 -33.66 11.03 -10.80
C GLU C 207 -34.19 10.86 -9.40
N THR C 208 -34.54 9.63 -9.04
CA THR C 208 -35.09 9.35 -7.71
C THR C 208 -34.04 8.82 -6.71
N PHE C 209 -32.87 8.46 -7.25
CA PHE C 209 -31.75 7.93 -6.48
C PHE C 209 -31.34 8.86 -5.35
N ASP C 210 -31.32 8.33 -4.14
CA ASP C 210 -30.90 9.10 -2.98
C ASP C 210 -30.55 8.11 -1.89
N LEU C 211 -29.96 8.59 -0.81
CA LEU C 211 -29.55 7.74 0.30
C LEU C 211 -30.57 6.74 0.81
N LEU C 212 -31.83 7.17 0.95
CA LEU C 212 -32.89 6.28 1.44
C LEU C 212 -33.68 5.47 0.40
N THR C 213 -33.75 5.96 -0.83
CA THR C 213 -34.50 5.27 -1.87
C THR C 213 -33.73 4.14 -2.58
N LEU C 214 -32.41 4.13 -2.44
CA LEU C 214 -31.58 3.09 -3.03
C LEU C 214 -31.38 2.02 -1.95
N HIS C 215 -30.97 0.83 -2.35
CA HIS C 215 -30.79 -0.23 -1.37
C HIS C 215 -29.46 -0.09 -0.64
N PRO C 216 -29.51 0.05 0.68
CA PRO C 216 -28.27 0.19 1.44
C PRO C 216 -27.23 -0.85 1.02
N ILE C 217 -27.66 -2.06 0.68
CA ILE C 217 -26.71 -3.10 0.25
C ILE C 217 -26.01 -2.70 -1.05
N GLU C 218 -26.77 -2.15 -2.00
CA GLU C 218 -26.20 -1.73 -3.27
C GLU C 218 -25.36 -0.47 -3.09
N ILE C 219 -25.83 0.46 -2.26
CA ILE C 219 -25.06 1.66 -1.99
C ILE C 219 -23.65 1.22 -1.60
N ALA C 220 -23.58 0.39 -0.57
CA ALA C 220 -22.29 -0.09 -0.10
C ALA C 220 -21.56 -0.82 -1.23
N ARG C 221 -22.28 -1.69 -1.92
CA ARG C 221 -21.72 -2.46 -3.03
C ARG C 221 -21.12 -1.58 -4.12
N GLN C 222 -21.92 -0.64 -4.64
CA GLN C 222 -21.42 0.23 -5.69
C GLN C 222 -20.25 1.07 -5.22
N LEU C 223 -20.35 1.65 -4.02
CA LEU C 223 -19.26 2.47 -3.50
C LEU C 223 -18.01 1.64 -3.25
N THR C 224 -18.15 0.35 -3.01
CA THR C 224 -16.97 -0.49 -2.77
C THR C 224 -16.20 -0.69 -4.07
N LEU C 225 -16.93 -0.95 -5.16
CA LEU C 225 -16.31 -1.13 -6.45
C LEU C 225 -15.56 0.15 -6.81
N LEU C 226 -16.30 1.25 -6.85
CA LEU C 226 -15.73 2.56 -7.13
C LEU C 226 -14.43 2.75 -6.35
N GLU C 227 -14.53 2.75 -5.02
CA GLU C 227 -13.38 2.90 -4.15
C GLU C 227 -12.29 1.86 -4.41
N SER C 228 -12.68 0.65 -4.81
CA SER C 228 -11.71 -0.41 -5.09
C SER C 228 -10.93 -0.10 -6.35
N ASP C 229 -11.59 0.49 -7.33
CA ASP C 229 -10.92 0.86 -8.57
C ASP C 229 -9.94 1.99 -8.29
N LEU C 230 -10.43 3.00 -7.55
CA LEU C 230 -9.65 4.17 -7.16
C LEU C 230 -8.36 3.75 -6.46
N TYR C 231 -8.49 2.78 -5.56
CA TYR C 231 -7.35 2.25 -4.81
C TYR C 231 -6.37 1.53 -5.75
N ARG C 232 -6.90 0.60 -6.53
CA ARG C 232 -6.10 -0.18 -7.47
C ARG C 232 -5.33 0.65 -8.49
N ALA C 233 -5.83 1.84 -8.81
CA ALA C 233 -5.17 2.68 -9.79
C ALA C 233 -3.92 3.43 -9.31
N VAL C 234 -3.70 3.50 -8.00
CA VAL C 234 -2.54 4.23 -7.47
C VAL C 234 -1.23 3.50 -7.70
N GLN C 235 -0.29 4.21 -8.32
CA GLN C 235 1.03 3.66 -8.63
C GLN C 235 2.10 4.15 -7.66
N PRO C 236 3.17 3.35 -7.49
CA PRO C 236 4.28 3.66 -6.59
C PRO C 236 4.95 5.00 -6.87
N SER C 237 4.99 5.39 -8.15
CA SER C 237 5.59 6.64 -8.54
C SER C 237 4.88 7.86 -7.97
N GLU C 238 3.65 7.65 -7.48
CA GLU C 238 2.87 8.74 -6.89
C GLU C 238 3.15 8.74 -5.40
N LEU C 239 3.93 7.77 -4.93
CA LEU C 239 4.23 7.66 -3.51
C LEU C 239 5.68 7.80 -3.13
N VAL C 240 6.59 7.13 -3.83
CA VAL C 240 8.01 7.23 -3.47
C VAL C 240 8.46 8.69 -3.54
N GLY C 241 9.17 9.15 -2.52
CA GLY C 241 9.63 10.52 -2.53
C GLY C 241 8.69 11.55 -1.97
N SER C 242 7.64 11.10 -1.27
CA SER C 242 6.64 11.98 -0.65
C SER C 242 6.11 13.01 -1.62
N VAL C 243 6.11 12.68 -2.91
CA VAL C 243 5.68 13.61 -3.91
C VAL C 243 4.26 14.14 -3.80
N TRP C 244 3.36 13.37 -3.20
CA TRP C 244 1.97 13.80 -3.08
C TRP C 244 1.84 14.95 -2.10
N THR C 245 2.92 15.20 -1.36
CA THR C 245 2.92 16.28 -0.39
C THR C 245 3.67 17.51 -0.88
N LYS C 246 4.31 17.40 -2.05
CA LYS C 246 5.08 18.53 -2.59
C LYS C 246 4.21 19.41 -3.46
N GLU C 247 4.80 20.45 -4.07
CA GLU C 247 4.02 21.38 -4.88
C GLU C 247 3.48 20.95 -6.22
N ASP C 248 4.09 19.94 -6.83
CA ASP C 248 3.59 19.42 -8.11
C ASP C 248 2.82 18.15 -7.86
N LYS C 249 2.25 18.05 -6.65
CA LYS C 249 1.49 16.87 -6.26
C LYS C 249 0.35 16.59 -7.22
N GLU C 250 -0.16 17.65 -7.83
CA GLU C 250 -1.27 17.52 -8.78
C GLU C 250 -0.84 16.82 -10.07
N ILE C 251 0.44 16.95 -10.40
CA ILE C 251 0.99 16.38 -11.62
C ILE C 251 1.53 14.97 -11.40
N ASN C 252 2.14 14.75 -10.24
CA ASN C 252 2.75 13.46 -9.88
C ASN C 252 1.93 12.44 -9.10
N SER C 253 0.86 12.89 -8.44
CA SER C 253 0.05 11.96 -7.67
C SER C 253 -1.43 12.14 -7.94
N PRO C 254 -1.82 12.29 -9.22
CA PRO C 254 -3.21 12.48 -9.65
C PRO C 254 -4.17 11.41 -9.19
N ASN C 255 -3.76 10.14 -9.28
CA ASN C 255 -4.63 9.05 -8.85
C ASN C 255 -4.83 8.95 -7.35
N LEU C 256 -3.76 9.18 -6.58
CA LEU C 256 -3.86 9.14 -5.14
C LEU C 256 -4.78 10.25 -4.72
N LEU C 257 -4.56 11.44 -5.26
CA LEU C 257 -5.38 12.60 -4.90
C LEU C 257 -6.83 12.40 -5.27
N LYS C 258 -7.06 11.84 -6.45
CA LYS C 258 -8.40 11.58 -6.94
C LYS C 258 -9.13 10.64 -6.00
N MET C 259 -8.37 9.74 -5.38
CA MET C 259 -8.90 8.75 -4.46
C MET C 259 -9.28 9.42 -3.13
N ILE C 260 -8.33 10.11 -2.50
CA ILE C 260 -8.57 10.79 -1.23
C ILE C 260 -9.74 11.77 -1.32
N ARG C 261 -9.84 12.43 -2.47
CA ARG C 261 -10.91 13.40 -2.66
C ARG C 261 -12.28 12.76 -2.77
N HIS C 262 -12.33 11.55 -3.30
CA HIS C 262 -13.61 10.88 -3.39
C HIS C 262 -14.04 10.57 -1.95
N THR C 263 -13.09 10.06 -1.20
CA THR C 263 -13.35 9.70 0.18
C THR C 263 -13.82 10.90 0.96
N THR C 264 -13.10 12.01 0.85
CA THR C 264 -13.49 13.21 1.56
C THR C 264 -14.89 13.67 1.20
N ASN C 265 -15.23 13.58 -0.09
CA ASN C 265 -16.55 13.97 -0.55
C ASN C 265 -17.59 13.08 0.08
N LEU C 266 -17.40 11.78 -0.09
CA LEU C 266 -18.35 10.84 0.45
C LEU C 266 -18.63 11.15 1.93
N THR C 267 -17.57 11.30 2.72
CA THR C 267 -17.71 11.61 4.13
C THR C 267 -18.57 12.85 4.34
N LEU C 268 -18.26 13.89 3.59
CA LEU C 268 -18.98 15.15 3.65
C LEU C 268 -20.44 15.00 3.25
N TRP C 269 -20.70 14.15 2.25
CA TRP C 269 -22.07 13.90 1.80
C TRP C 269 -22.86 13.31 2.96
N PHE C 270 -22.30 12.29 3.60
CA PHE C 270 -22.94 11.67 4.75
C PHE C 270 -23.27 12.74 5.79
N GLU C 271 -22.35 13.66 6.01
CA GLU C 271 -22.55 14.72 6.98
C GLU C 271 -23.69 15.63 6.58
N LYS C 272 -23.73 15.98 5.30
CA LYS C 272 -24.79 16.85 4.76
C LYS C 272 -26.14 16.15 4.97
N CYS C 273 -26.28 14.96 4.38
CA CYS C 273 -27.50 14.17 4.52
C CYS C 273 -28.08 14.19 5.94
N ILE C 274 -27.19 14.08 6.92
CA ILE C 274 -27.62 14.10 8.31
C ILE C 274 -28.10 15.47 8.80
N VAL C 275 -27.26 16.49 8.76
CA VAL C 275 -27.66 17.82 9.23
C VAL C 275 -28.66 18.60 8.35
N GLU C 276 -29.06 18.03 7.22
CA GLU C 276 -30.02 18.73 6.37
C GLU C 276 -31.40 18.07 6.52
N THR C 277 -31.43 16.97 7.26
CA THR C 277 -32.70 16.30 7.55
C THR C 277 -33.00 16.84 8.95
N GLU C 278 -33.79 17.92 9.00
CA GLU C 278 -34.12 18.59 10.25
C GLU C 278 -35.04 17.86 11.23
N ASN C 279 -35.94 17.04 10.70
CA ASN C 279 -36.86 16.30 11.55
C ASN C 279 -36.15 15.17 12.32
N LEU C 280 -36.12 15.28 13.65
CA LEU C 280 -35.46 14.26 14.48
C LEU C 280 -35.80 12.83 14.12
N GLU C 281 -37.07 12.54 13.89
CA GLU C 281 -37.46 11.19 13.55
C GLU C 281 -36.88 10.74 12.21
N GLU C 282 -36.82 11.64 11.23
CA GLU C 282 -36.27 11.31 9.91
C GLU C 282 -34.76 11.24 9.96
N ARG C 283 -34.15 12.16 10.73
CA ARG C 283 -32.72 12.21 10.89
C ARG C 283 -32.26 10.88 11.49
N VAL C 284 -32.95 10.42 12.53
CA VAL C 284 -32.58 9.16 13.17
C VAL C 284 -32.62 8.07 12.12
N ALA C 285 -33.60 8.17 11.22
CA ALA C 285 -33.73 7.17 10.17
C ALA C 285 -32.49 7.20 9.26
N VAL C 286 -31.98 8.39 8.96
CA VAL C 286 -30.80 8.56 8.11
C VAL C 286 -29.52 7.98 8.74
N VAL C 287 -29.19 8.42 9.94
CA VAL C 287 -28.00 7.93 10.60
C VAL C 287 -28.02 6.39 10.64
N SER C 288 -29.18 5.81 10.87
CA SER C 288 -29.30 4.37 10.93
C SER C 288 -28.94 3.74 9.61
N ARG C 289 -29.50 4.30 8.54
CA ARG C 289 -29.23 3.76 7.21
C ARG C 289 -27.72 3.80 6.96
N ILE C 290 -27.12 4.92 7.31
CA ILE C 290 -25.67 5.09 7.13
C ILE C 290 -24.90 4.05 7.92
N ILE C 291 -25.38 3.73 9.11
CA ILE C 291 -24.71 2.74 9.93
C ILE C 291 -24.90 1.35 9.32
N GLU C 292 -25.98 1.15 8.58
CA GLU C 292 -26.19 -0.14 7.93
C GLU C 292 -25.19 -0.24 6.78
N ILE C 293 -25.09 0.85 6.01
CA ILE C 293 -24.16 0.90 4.90
C ILE C 293 -22.78 0.54 5.44
N LEU C 294 -22.41 1.13 6.57
CA LEU C 294 -21.14 0.86 7.20
C LEU C 294 -20.98 -0.64 7.47
N GLN C 295 -22.08 -1.27 7.87
CA GLN C 295 -22.09 -2.68 8.19
C GLN C 295 -21.75 -3.51 6.95
N VAL C 296 -22.37 -3.17 5.83
CA VAL C 296 -22.10 -3.89 4.59
C VAL C 296 -20.64 -3.66 4.15
N PHE C 297 -20.11 -2.46 4.41
CA PHE C 297 -18.72 -2.15 4.08
C PHE C 297 -17.84 -3.11 4.85
N GLN C 298 -18.09 -3.22 6.16
CA GLN C 298 -17.33 -4.13 7.00
C GLN C 298 -17.33 -5.52 6.37
N GLU C 299 -18.53 -5.97 5.99
CA GLU C 299 -18.70 -7.27 5.37
C GLU C 299 -17.82 -7.41 4.11
N LEU C 300 -17.77 -6.34 3.32
CA LEU C 300 -16.99 -6.33 2.09
C LEU C 300 -15.49 -6.04 2.28
N ASN C 301 -15.08 -5.73 3.49
CA ASN C 301 -13.68 -5.40 3.79
C ASN C 301 -13.23 -4.11 3.12
N ASN C 302 -14.17 -3.21 2.89
CA ASN C 302 -13.90 -1.91 2.30
C ASN C 302 -13.63 -1.03 3.51
N PHE C 303 -12.46 -1.17 4.11
CA PHE C 303 -12.12 -0.38 5.28
C PHE C 303 -12.15 1.11 4.99
N ASN C 304 -11.92 1.49 3.74
CA ASN C 304 -11.95 2.91 3.40
C ASN C 304 -13.35 3.40 3.68
N GLY C 305 -14.34 2.67 3.19
CA GLY C 305 -15.72 3.05 3.43
C GLY C 305 -16.04 3.11 4.91
N VAL C 306 -15.53 2.13 5.67
CA VAL C 306 -15.77 2.09 7.11
C VAL C 306 -15.37 3.43 7.67
N LEU C 307 -14.14 3.82 7.40
CA LEU C 307 -13.65 5.09 7.91
C LEU C 307 -14.38 6.30 7.36
N GLU C 308 -14.89 6.25 6.13
CA GLU C 308 -15.59 7.41 5.59
C GLU C 308 -16.78 7.68 6.51
N VAL C 309 -17.40 6.59 6.96
CA VAL C 309 -18.54 6.69 7.85
C VAL C 309 -18.09 7.15 9.23
N VAL C 310 -17.18 6.41 9.84
CA VAL C 310 -16.71 6.79 11.16
C VAL C 310 -16.35 8.24 11.24
N SER C 311 -15.62 8.72 10.25
CA SER C 311 -15.19 10.12 10.19
C SER C 311 -16.37 11.06 10.14
N ALA C 312 -17.42 10.66 9.43
CA ALA C 312 -18.59 11.52 9.34
C ALA C 312 -19.24 11.60 10.73
N MET C 313 -19.49 10.44 11.34
CA MET C 313 -20.09 10.38 12.66
C MET C 313 -19.29 11.14 13.71
N ASN C 314 -17.98 11.22 13.54
CA ASN C 314 -17.13 11.91 14.48
C ASN C 314 -16.87 13.35 14.15
N SER C 315 -17.42 13.80 13.04
CA SER C 315 -17.27 15.19 12.62
C SER C 315 -17.95 16.08 13.65
N SER C 316 -17.56 17.35 13.71
CA SER C 316 -18.18 18.26 14.67
C SER C 316 -19.71 18.36 14.54
N PRO C 317 -20.24 18.55 13.32
CA PRO C 317 -21.68 18.65 13.13
C PRO C 317 -22.45 17.45 13.67
N VAL C 318 -22.07 16.26 13.22
CA VAL C 318 -22.76 15.06 13.66
C VAL C 318 -22.49 14.64 15.10
N TYR C 319 -21.23 14.57 15.48
CA TYR C 319 -20.87 14.15 16.82
C TYR C 319 -21.73 14.70 17.97
N ARG C 320 -22.16 15.95 17.84
CA ARG C 320 -22.94 16.59 18.89
C ARG C 320 -24.45 16.35 18.91
N LEU C 321 -24.99 15.73 17.86
CA LEU C 321 -26.42 15.48 17.82
C LEU C 321 -26.87 14.40 18.81
N ASP C 322 -26.81 14.70 20.11
CA ASP C 322 -27.18 13.76 21.17
C ASP C 322 -28.58 13.15 21.07
N HIS C 323 -29.57 14.00 20.80
CA HIS C 323 -30.94 13.53 20.69
C HIS C 323 -31.12 12.50 19.59
N THR C 324 -30.28 12.59 18.55
CA THR C 324 -30.36 11.68 17.41
C THR C 324 -29.72 10.32 17.70
N PHE C 325 -28.56 10.33 18.35
CA PHE C 325 -27.87 9.08 18.67
C PHE C 325 -28.54 8.39 19.82
N GLU C 326 -29.23 9.20 20.61
CA GLU C 326 -30.00 8.74 21.74
C GLU C 326 -30.99 7.67 21.24
N GLN C 327 -31.67 7.98 20.13
CA GLN C 327 -32.65 7.08 19.56
C GLN C 327 -32.14 6.00 18.59
N ILE C 328 -30.84 5.76 18.56
CA ILE C 328 -30.30 4.73 17.67
C ILE C 328 -30.30 3.38 18.40
N PRO C 329 -30.91 2.35 17.78
CA PRO C 329 -30.94 1.04 18.44
C PRO C 329 -29.56 0.64 18.95
N SER C 330 -29.52 -0.14 20.02
CA SER C 330 -28.25 -0.53 20.61
C SER C 330 -27.35 -1.40 19.72
N ARG C 331 -27.95 -2.27 18.90
CA ARG C 331 -27.11 -3.12 18.04
C ARG C 331 -26.31 -2.24 17.10
N GLN C 332 -26.96 -1.19 16.59
CA GLN C 332 -26.27 -0.25 15.69
C GLN C 332 -25.23 0.57 16.43
N LYS C 333 -25.55 1.04 17.63
CA LYS C 333 -24.58 1.83 18.39
C LYS C 333 -23.31 1.02 18.62
N LYS C 334 -23.50 -0.29 18.77
CA LYS C 334 -22.37 -1.18 19.00
C LYS C 334 -21.55 -1.32 17.73
N ILE C 335 -22.22 -1.40 16.59
CA ILE C 335 -21.54 -1.51 15.31
C ILE C 335 -20.65 -0.28 15.11
N LEU C 336 -21.24 0.91 15.25
CA LEU C 336 -20.52 2.15 15.08
C LEU C 336 -19.39 2.29 16.09
N GLU C 337 -19.53 1.70 17.28
CA GLU C 337 -18.46 1.82 18.27
C GLU C 337 -17.31 0.90 17.92
N GLU C 338 -17.61 -0.31 17.45
CA GLU C 338 -16.55 -1.23 17.10
C GLU C 338 -15.79 -0.71 15.91
N ALA C 339 -16.51 -0.05 15.00
CA ALA C 339 -15.90 0.54 13.82
C ALA C 339 -14.98 1.65 14.27
N HIS C 340 -15.42 2.45 15.23
CA HIS C 340 -14.61 3.53 15.71
C HIS C 340 -13.37 3.07 16.45
N GLU C 341 -13.44 1.90 17.06
CA GLU C 341 -12.29 1.36 17.80
C GLU C 341 -11.14 0.95 16.90
N LEU C 342 -11.43 0.71 15.63
CA LEU C 342 -10.40 0.33 14.68
C LEU C 342 -9.29 1.38 14.61
N SER C 343 -9.71 2.65 14.62
CA SER C 343 -8.81 3.79 14.54
C SER C 343 -8.13 4.13 15.85
N GLU C 344 -8.68 3.61 16.94
CA GLU C 344 -8.14 3.87 18.27
C GLU C 344 -6.75 3.32 18.50
N ASP C 345 -6.01 4.02 19.35
CA ASP C 345 -4.66 3.64 19.72
C ASP C 345 -3.77 3.47 18.49
N HIS C 346 -3.86 4.46 17.59
CA HIS C 346 -3.09 4.46 16.36
C HIS C 346 -3.41 3.27 15.46
N TYR C 347 -4.69 3.13 15.14
CA TYR C 347 -5.15 2.06 14.28
C TYR C 347 -4.69 0.66 14.66
N LYS C 348 -4.40 0.46 15.94
CA LYS C 348 -3.93 -0.84 16.42
C LYS C 348 -4.81 -1.98 15.93
N LYS C 349 -6.11 -1.85 16.17
CA LYS C 349 -7.07 -2.86 15.75
C LYS C 349 -7.32 -2.89 14.25
N TYR C 350 -7.21 -1.73 13.59
CA TYR C 350 -7.43 -1.65 12.16
C TYR C 350 -6.37 -2.49 11.49
N LEU C 351 -5.11 -2.16 11.78
CA LEU C 351 -3.98 -2.88 11.22
C LEU C 351 -4.10 -4.38 11.41
N ALA C 352 -4.48 -4.81 12.62
CA ALA C 352 -4.63 -6.23 12.94
C ALA C 352 -5.70 -6.89 12.08
N LYS C 353 -6.83 -6.21 11.92
CA LYS C 353 -7.91 -6.76 11.13
C LYS C 353 -7.59 -6.93 9.65
N LEU C 354 -6.83 -5.99 9.07
CA LEU C 354 -6.48 -6.08 7.66
C LEU C 354 -5.52 -7.25 7.46
N ARG C 355 -4.63 -7.43 8.44
CA ARG C 355 -3.65 -8.51 8.40
C ARG C 355 -4.32 -9.86 8.52
N SER C 356 -5.57 -9.88 8.95
CA SER C 356 -6.26 -11.15 9.13
C SER C 356 -7.31 -11.48 8.07
N ILE C 357 -8.12 -10.49 7.67
CA ILE C 357 -9.19 -10.72 6.67
C ILE C 357 -8.72 -11.45 5.42
N ASN C 358 -9.69 -11.85 4.60
CA ASN C 358 -9.38 -12.53 3.35
C ASN C 358 -9.85 -11.62 2.20
N PRO C 359 -8.89 -11.09 1.40
CA PRO C 359 -9.13 -10.21 0.25
C PRO C 359 -10.20 -10.77 -0.66
N PRO C 360 -10.78 -9.94 -1.55
CA PRO C 360 -10.50 -8.52 -1.75
C PRO C 360 -10.88 -7.61 -0.58
N CYS C 361 -10.24 -6.44 -0.55
CA CYS C 361 -10.47 -5.43 0.48
C CYS C 361 -9.98 -4.08 -0.05
N VAL C 362 -10.47 -3.01 0.54
CA VAL C 362 -10.05 -1.67 0.15
C VAL C 362 -9.41 -1.12 1.40
N PRO C 363 -8.07 -1.08 1.45
CA PRO C 363 -7.41 -0.54 2.65
C PRO C 363 -7.62 0.97 2.83
N PHE C 364 -7.21 1.47 3.99
CA PHE C 364 -7.28 2.92 4.25
C PHE C 364 -5.87 3.41 3.85
N PHE C 365 -5.79 4.24 2.81
CA PHE C 365 -4.49 4.70 2.32
C PHE C 365 -3.70 5.59 3.27
N GLY C 366 -4.44 6.41 4.03
CA GLY C 366 -3.84 7.33 4.98
C GLY C 366 -2.67 6.80 5.78
N ILE C 367 -2.80 5.59 6.30
CA ILE C 367 -1.75 4.96 7.10
C ILE C 367 -0.44 4.87 6.34
N TYR C 368 -0.54 4.44 5.09
CA TYR C 368 0.61 4.29 4.21
C TYR C 368 1.28 5.63 3.97
N LEU C 369 0.49 6.62 3.59
CA LEU C 369 1.05 7.93 3.33
C LEU C 369 1.91 8.36 4.52
N THR C 370 1.41 8.24 5.74
CA THR C 370 2.21 8.67 6.90
C THR C 370 3.51 7.88 7.09
N ASN C 371 3.47 6.56 6.97
CA ASN C 371 4.69 5.77 7.14
C ASN C 371 5.71 6.04 6.04
N ILE C 372 5.27 6.17 4.80
CA ILE C 372 6.19 6.45 3.74
C ILE C 372 6.90 7.78 4.03
N LEU C 373 6.11 8.83 4.25
CA LEU C 373 6.66 10.15 4.53
C LEU C 373 7.66 10.10 5.69
N LYS C 374 7.21 9.54 6.81
CA LYS C 374 8.05 9.44 8.00
C LYS C 374 9.29 8.57 7.82
N THR C 375 9.22 7.58 6.94
CA THR C 375 10.37 6.71 6.72
C THR C 375 11.42 7.51 5.97
N GLU C 376 10.96 8.31 5.01
CA GLU C 376 11.85 9.12 4.21
C GLU C 376 12.43 10.29 4.97
N GLU C 377 11.72 10.84 5.93
CA GLU C 377 12.23 11.98 6.68
C GLU C 377 13.09 11.59 7.87
N GLY C 378 12.80 10.42 8.42
CA GLY C 378 13.56 9.99 9.58
C GLY C 378 14.75 9.11 9.30
N ASN C 379 15.22 9.11 8.06
CA ASN C 379 16.35 8.28 7.68
C ASN C 379 17.27 8.96 6.69
N PRO C 380 18.58 8.86 6.92
CA PRO C 380 19.62 9.46 6.07
C PRO C 380 19.72 8.87 4.66
N GLU C 381 19.90 9.73 3.66
CA GLU C 381 20.02 9.26 2.29
C GLU C 381 21.30 8.43 2.09
N VAL C 382 22.27 8.62 2.99
CA VAL C 382 23.52 7.88 2.93
C VAL C 382 24.12 7.65 4.31
N LEU C 383 24.97 6.64 4.41
CA LEU C 383 25.67 6.33 5.64
C LEU C 383 27.13 6.44 5.24
N LYS C 384 27.96 7.05 6.08
CA LYS C 384 29.35 7.19 5.74
C LYS C 384 30.17 6.20 6.56
N ARG C 385 31.16 5.59 5.91
CA ARG C 385 32.08 4.62 6.50
C ARG C 385 33.46 4.94 5.94
N HIS C 386 34.34 5.47 6.79
CA HIS C 386 35.68 5.86 6.34
C HIS C 386 35.61 6.87 5.21
N GLY C 387 34.81 7.92 5.42
CA GLY C 387 34.66 8.98 4.43
C GLY C 387 34.00 8.57 3.12
N LYS C 388 33.43 7.37 3.08
CA LYS C 388 32.79 6.86 1.88
C LYS C 388 31.27 6.82 1.99
N GLU C 389 30.61 7.74 1.30
CA GLU C 389 29.15 7.80 1.33
C GLU C 389 28.52 6.60 0.63
N LEU C 390 27.95 5.68 1.40
CA LEU C 390 27.29 4.52 0.82
C LEU C 390 25.79 4.79 0.80
N ILE C 391 25.14 4.53 -0.33
CA ILE C 391 23.70 4.75 -0.43
C ILE C 391 23.03 3.95 0.69
N ASN C 392 22.15 4.59 1.45
CA ASN C 392 21.45 3.92 2.53
C ASN C 392 20.30 3.15 1.91
N PHE C 393 20.55 1.88 1.57
CA PHE C 393 19.53 1.09 0.91
C PHE C 393 18.40 0.60 1.79
N SER C 394 18.65 0.45 3.09
CA SER C 394 17.62 -0.04 3.99
C SER C 394 16.45 0.95 4.02
N LYS C 395 16.75 2.22 3.77
CA LYS C 395 15.71 3.25 3.73
C LYS C 395 14.81 2.98 2.53
N ARG C 396 15.43 2.73 1.38
CA ARG C 396 14.66 2.45 0.17
C ARG C 396 13.92 1.13 0.30
N ARG C 397 14.53 0.16 0.96
CA ARG C 397 13.89 -1.14 1.13
C ARG C 397 12.61 -0.96 1.96
N LYS C 398 12.70 -0.17 3.03
CA LYS C 398 11.56 0.10 3.91
C LYS C 398 10.38 0.71 3.15
N VAL C 399 10.65 1.69 2.30
CA VAL C 399 9.61 2.34 1.52
C VAL C 399 9.06 1.37 0.49
N ALA C 400 9.90 0.45 0.04
CA ALA C 400 9.48 -0.54 -0.95
C ALA C 400 8.53 -1.54 -0.34
N GLU C 401 8.77 -1.82 0.94
CA GLU C 401 7.94 -2.74 1.67
C GLU C 401 6.55 -2.13 1.70
N ILE C 402 6.46 -0.83 1.94
CA ILE C 402 5.16 -0.17 2.00
C ILE C 402 4.46 -0.18 0.65
N THR C 403 5.14 0.25 -0.41
CA THR C 403 4.52 0.25 -1.73
C THR C 403 4.17 -1.20 -2.13
N GLY C 404 5.02 -2.14 -1.71
CA GLY C 404 4.78 -3.54 -2.00
C GLY C 404 3.52 -3.99 -1.28
N GLU C 405 3.35 -3.57 -0.03
CA GLU C 405 2.17 -3.94 0.71
C GLU C 405 0.95 -3.41 -0.03
N ILE C 406 1.02 -2.16 -0.47
CA ILE C 406 -0.10 -1.56 -1.18
C ILE C 406 -0.45 -2.42 -2.39
N GLN C 407 0.54 -2.69 -3.24
CA GLN C 407 0.35 -3.50 -4.43
C GLN C 407 -0.29 -4.87 -4.13
N GLN C 408 0.16 -5.54 -3.07
CA GLN C 408 -0.40 -6.84 -2.72
C GLN C 408 -1.92 -6.77 -2.59
N TYR C 409 -2.43 -5.75 -1.90
CA TYR C 409 -3.87 -5.64 -1.76
C TYR C 409 -4.54 -5.13 -3.03
N GLN C 410 -3.74 -4.69 -4.00
CA GLN C 410 -4.31 -4.18 -5.24
C GLN C 410 -4.68 -5.24 -6.26
N ASN C 411 -4.12 -6.44 -6.12
CA ASN C 411 -4.38 -7.52 -7.08
C ASN C 411 -5.79 -8.10 -7.21
N GLN C 412 -6.35 -8.50 -6.07
CA GLN C 412 -7.65 -9.14 -5.99
C GLN C 412 -8.83 -8.24 -6.29
N PRO C 413 -9.60 -8.55 -7.34
CA PRO C 413 -10.78 -7.78 -7.74
C PRO C 413 -12.06 -8.28 -7.08
N TYR C 414 -12.99 -7.38 -6.78
CA TYR C 414 -14.26 -7.76 -6.16
C TYR C 414 -15.16 -8.42 -7.18
N CYS C 415 -15.96 -9.38 -6.73
CA CYS C 415 -16.88 -10.07 -7.61
C CYS C 415 -18.26 -9.46 -7.36
N LEU C 416 -18.45 -8.22 -7.79
CA LEU C 416 -19.71 -7.52 -7.62
C LEU C 416 -20.14 -6.85 -8.94
N ARG C 417 -21.33 -7.17 -9.43
CA ARG C 417 -21.76 -6.56 -10.68
C ARG C 417 -21.95 -5.06 -10.53
N VAL C 418 -21.48 -4.31 -11.53
CA VAL C 418 -21.58 -2.86 -11.54
C VAL C 418 -22.96 -2.39 -11.96
N GLU C 419 -23.40 -1.26 -11.41
CA GLU C 419 -24.69 -0.71 -11.78
C GLU C 419 -24.47 0.69 -12.33
N SER C 420 -24.12 0.74 -13.61
CA SER C 420 -23.83 1.98 -14.34
C SER C 420 -24.44 3.24 -13.77
N ASP C 421 -25.77 3.24 -13.62
CA ASP C 421 -26.49 4.39 -13.11
C ASP C 421 -26.18 4.77 -11.69
N ILE C 422 -26.17 3.79 -10.79
CA ILE C 422 -25.84 4.05 -9.40
C ILE C 422 -24.40 4.54 -9.40
N LYS C 423 -23.54 3.82 -10.11
CA LYS C 423 -22.14 4.23 -10.19
C LYS C 423 -22.10 5.72 -10.52
N ARG C 424 -22.61 6.07 -11.69
CA ARG C 424 -22.65 7.45 -12.14
C ARG C 424 -23.13 8.38 -11.02
N PHE C 425 -24.15 7.94 -10.28
CA PHE C 425 -24.71 8.74 -9.19
C PHE C 425 -23.72 9.19 -8.12
N PHE C 426 -22.90 8.25 -7.63
CA PHE C 426 -21.91 8.59 -6.61
C PHE C 426 -20.71 9.26 -7.22
N GLU C 427 -20.39 8.95 -8.47
CA GLU C 427 -19.26 9.60 -9.10
C GLU C 427 -19.52 11.11 -9.20
N ASN C 428 -20.78 11.47 -9.40
CA ASN C 428 -21.13 12.86 -9.55
C ASN C 428 -21.60 13.59 -8.29
N LEU C 429 -21.51 12.95 -7.13
CA LEU C 429 -21.96 13.61 -5.89
C LEU C 429 -21.07 14.81 -5.61
N ASN C 430 -21.68 15.96 -5.36
CA ASN C 430 -20.92 17.15 -5.07
C ASN C 430 -21.50 17.92 -3.89
N PRO C 431 -21.25 17.42 -2.67
CA PRO C 431 -21.72 18.00 -1.41
C PRO C 431 -21.48 19.49 -1.22
N MET C 432 -20.30 19.94 -1.61
CA MET C 432 -19.94 21.33 -1.44
C MET C 432 -20.37 22.29 -2.52
N GLY C 433 -20.90 21.77 -3.63
CA GLY C 433 -21.30 22.65 -4.71
C GLY C 433 -20.19 23.59 -5.14
N ASN C 434 -20.46 24.88 -5.11
CA ASN C 434 -19.48 25.87 -5.50
C ASN C 434 -18.94 26.59 -4.28
N SER C 435 -19.23 26.03 -3.11
CA SER C 435 -18.81 26.63 -1.86
C SER C 435 -17.39 26.28 -1.49
N MET C 436 -16.70 27.22 -0.87
CA MET C 436 -15.34 26.95 -0.45
C MET C 436 -15.46 26.08 0.78
N GLU C 437 -14.46 25.24 0.99
CA GLU C 437 -14.45 24.32 2.12
C GLU C 437 -14.86 24.93 3.44
N LYS C 438 -14.26 26.06 3.79
CA LYS C 438 -14.60 26.68 5.06
C LYS C 438 -16.05 27.10 5.17
N GLU C 439 -16.59 27.79 4.15
CA GLU C 439 -17.98 28.23 4.19
C GLU C 439 -18.87 27.02 4.43
N PHE C 440 -18.75 26.04 3.55
CA PHE C 440 -19.54 24.82 3.66
C PHE C 440 -19.39 24.20 5.05
N THR C 441 -18.15 24.08 5.48
CA THR C 441 -17.86 23.51 6.78
C THR C 441 -18.62 24.25 7.89
N ASP C 442 -18.63 25.57 7.82
CA ASP C 442 -19.35 26.35 8.81
C ASP C 442 -20.83 26.11 8.62
N TYR C 443 -21.30 26.12 7.37
CA TYR C 443 -22.71 25.86 7.10
C TYR C 443 -23.16 24.64 7.90
N LEU C 444 -22.55 23.49 7.60
CA LEU C 444 -22.88 22.24 8.27
C LEU C 444 -22.93 22.34 9.78
N PHE C 445 -21.94 22.99 10.38
CA PHE C 445 -21.93 23.12 11.83
C PHE C 445 -23.10 23.95 12.30
N ASN C 446 -23.37 25.06 11.61
CA ASN C 446 -24.51 25.88 11.99
C ASN C 446 -25.75 25.03 11.89
N LYS C 447 -25.93 24.32 10.78
CA LYS C 447 -27.09 23.45 10.59
C LYS C 447 -27.29 22.57 11.82
N SER C 448 -26.18 22.08 12.35
CA SER C 448 -26.21 21.22 13.53
C SER C 448 -26.78 22.01 14.71
N LEU C 449 -26.30 23.23 14.90
CA LEU C 449 -26.77 24.09 15.99
C LEU C 449 -28.26 24.43 15.84
N GLU C 450 -28.75 24.42 14.61
CA GLU C 450 -30.16 24.75 14.36
C GLU C 450 -31.11 23.61 14.69
N ILE C 451 -30.77 22.40 14.26
CA ILE C 451 -31.64 21.25 14.49
C ILE C 451 -31.50 20.58 15.87
N GLU C 452 -30.58 21.08 16.68
CA GLU C 452 -30.35 20.57 18.03
C GLU C 452 -29.48 21.58 18.74
N PRO C 453 -30.09 22.70 19.20
CA PRO C 453 -29.46 23.81 19.91
C PRO C 453 -28.69 23.49 21.19
N ARG C 454 -27.61 24.23 21.43
CA ARG C 454 -26.81 24.00 22.63
C ARG C 454 -27.70 24.21 23.84
N ASN C 455 -27.55 23.39 24.86
CA ASN C 455 -28.34 23.57 26.08
C ASN C 455 -27.92 24.92 26.67
N PRO C 456 -28.80 25.54 27.46
CA PRO C 456 -30.13 25.05 27.83
C PRO C 456 -31.22 25.33 26.78
N LYS C 457 -30.84 25.98 25.67
CA LYS C 457 -31.81 26.30 24.62
C LYS C 457 -32.69 25.06 24.40
N PRO C 458 -33.99 25.27 24.11
CA PRO C 458 -34.95 24.18 23.89
C PRO C 458 -34.98 23.56 22.49
N LEU C 459 -35.17 22.24 22.45
CA LEU C 459 -35.20 21.48 21.19
C LEU C 459 -36.47 21.68 20.39
N PRO C 460 -36.41 22.48 19.32
CA PRO C 460 -37.58 22.73 18.49
C PRO C 460 -37.98 21.50 17.67
N ARG C 461 -39.15 21.56 17.02
CA ARG C 461 -39.64 20.47 16.18
C ARG C 461 -39.60 20.93 14.73
N PHE C 462 -39.33 20.01 13.81
CA PHE C 462 -39.27 20.37 12.40
C PHE C 462 -40.12 19.47 11.52
N PRO C 463 -40.66 20.03 10.43
CA PRO C 463 -41.50 19.29 9.49
C PRO C 463 -40.74 18.22 8.73
N LYS C 464 -41.41 17.10 8.48
CA LYS C 464 -40.78 16.01 7.72
C LYS C 464 -40.45 16.49 6.32
N LYS C 465 -39.56 15.77 5.63
CA LYS C 465 -39.12 16.13 4.28
C LYS C 465 -39.18 14.99 3.29
N TYR C 466 -39.20 13.76 3.79
CA TYR C 466 -39.28 12.60 2.90
C TYR C 466 -40.73 12.14 2.78
N SER C 467 -41.19 12.00 1.55
CA SER C 467 -42.55 11.59 1.27
C SER C 467 -42.67 10.07 1.09
N TYR C 468 -41.59 9.34 1.29
CA TYR C 468 -41.62 7.89 1.15
C TYR C 468 -41.32 7.20 2.49
N PRO C 469 -41.66 5.90 2.61
CA PRO C 469 -41.39 5.18 3.86
C PRO C 469 -39.93 5.20 4.28
N LEU C 470 -39.70 5.44 5.56
CA LEU C 470 -38.34 5.49 6.09
C LEU C 470 -37.85 4.17 6.66
N LYS C 471 -38.61 3.08 6.47
CA LYS C 471 -38.17 1.80 7.02
C LYS C 471 -37.10 1.21 6.10
N SER C 472 -36.01 0.75 6.70
CA SER C 472 -34.92 0.18 5.95
C SER C 472 -35.21 -1.24 5.48
N PRO C 473 -34.74 -1.60 4.28
CA PRO C 473 -34.95 -2.96 3.75
C PRO C 473 -33.99 -3.94 4.40
N GLY C 474 -33.20 -3.46 5.36
CA GLY C 474 -32.25 -4.31 6.06
C GLY C 474 -31.04 -4.64 5.23
N VAL C 475 -30.02 -5.22 5.85
CA VAL C 475 -28.80 -5.54 5.11
C VAL C 475 -28.58 -7.00 4.76
N ARG C 476 -29.63 -7.80 4.75
CA ARG C 476 -29.47 -9.21 4.37
C ARG C 476 -29.79 -9.29 2.91
N PRO C 477 -28.87 -9.85 2.12
CA PRO C 477 -29.12 -9.97 0.68
C PRO C 477 -30.26 -10.95 0.41
N SER C 478 -31.13 -10.60 -0.52
CA SER C 478 -32.23 -11.47 -0.86
C SER C 478 -31.69 -12.55 -1.80
N ASN C 479 -32.06 -13.81 -1.60
CA ASN C 479 -31.53 -14.83 -2.51
C ASN C 479 -32.65 -15.65 -3.10
MG MG D . 6.55 -18.08 -17.25
PG GTP E . 8.17 -20.36 -18.93
O1G GTP E . 8.86 -19.96 -20.22
O2G GTP E . 8.08 -19.31 -17.82
O3G GTP E . 8.75 -21.61 -18.45
O3B GTP E . 6.62 -20.70 -19.44
PB GTP E . 5.28 -20.88 -18.53
O1B GTP E . 5.28 -22.28 -17.95
O2B GTP E . 5.27 -19.80 -17.54
O3A GTP E . 4.13 -20.70 -19.52
PA GTP E . 3.01 -19.58 -19.57
O1A GTP E . 2.23 -19.58 -18.35
O2A GTP E . 3.74 -18.27 -19.94
O5' GTP E . 1.97 -20.15 -20.76
C5' GTP E . 2.59 -20.23 -22.12
C4' GTP E . 1.23 -20.14 -23.00
O4' GTP E . 0.27 -21.18 -22.74
C3' GTP E . 0.50 -18.88 -22.95
O3' GTP E . 0.39 -18.28 -24.21
C2' GTP E . -0.89 -19.08 -22.25
O2' GTP E . -1.89 -18.35 -22.75
C1' GTP E . -1.07 -20.72 -22.54
N9 GTP E . -1.63 -21.39 -21.31
C8 GTP E . -0.95 -21.55 -20.11
N7 GTP E . -1.91 -22.20 -19.41
C5 GTP E . -3.11 -22.44 -20.10
C6 GTP E . -4.18 -23.03 -19.70
O6 GTP E . -4.64 -23.60 -18.65
N1 GTP E . -5.25 -23.06 -20.81
C2 GTP E . -4.90 -22.51 -21.94
N2 GTP E . -5.93 -22.53 -23.02
N3 GTP E . -3.77 -21.89 -22.35
C4 GTP E . -2.90 -21.91 -21.31
P PO4 F . 4.71 17.66 7.46
O1 PO4 F . 4.22 18.90 8.10
O2 PO4 F . 4.49 16.50 8.36
O3 PO4 F . 3.98 17.44 6.19
O4 PO4 F . 6.17 17.79 7.18
#